data_6XNC
#
_entry.id   6XNC
#
_cell.length_a   182.289
_cell.length_b   57.529
_cell.length_c   67.266
_cell.angle_alpha   90.000
_cell.angle_beta   94.830
_cell.angle_gamma   90.000
#
_symmetry.space_group_name_H-M   'C 1 2 1'
#
loop_
_entity.id
_entity.type
_entity.pdbx_description
1 polymer 'Tryptophan synthase alpha chain'
2 polymer 'Tryptophan synthase beta chain'
3 non-polymer 'DIMETHYL SULFOXIDE'
4 non-polymer SN-GLYCEROL-1-PHOSPHATE
5 non-polymer 'SODIUM ION'
6 non-polymer "PYRIDOXAL-5'-PHOSPHATE"
7 non-polymer TRYPTOPHAN
8 water water
#
loop_
_entity_poly.entity_id
_entity_poly.type
_entity_poly.pdbx_seq_one_letter_code
_entity_poly.pdbx_strand_id
1 'polypeptide(L)'
;MERYENLFAQLNDRREGAFVPFVTLGDPGIEQSLKIIDTLIDAGADALELGVPFSDPLADGPTIQNANLRAFAAGVTPAQ
CFEMLALIREKHPTIPIGLLMYANLVFNNGIDAFYARCEQVGVDSVLVADVPVEESAPFRQAALRHNIAPIFICPPNADD
DLLRQVASYGRGYTYLLSRSGVTGAENRGALPLHHLIEKLKEYHAAPALQGFGISSPEQVSAAVRAGAAGAISGSAIVKI
IEKNLASPKQMLAELRSFVSAMKAASRA
;
A
2 'polypeptide(L)'
;MTTLLNPYFGEFGGMYVPQILMPALNQLEEAFVSAQKDPEFQAQFADLLKNYAGRPTALTKCQNITAGTRTTLYLKREDL
LHGGAHKTNQVLGQALLAKRMGKSEIIAETGAGQHGVASALASALLGLKCRIYMGAKDVERQSPNVFRMRLMGAEVIPVH
SGSATLKDACNEALRDWSGSYETAHYMLGTAAGPHPYPTIVREFQRMIGEETKAQILDKEGRLPDAVIACVGGGSNAIGM
FADFINDTSVGLIGVEPGGHGIETGEHGAPLKHGRVGIYFGMKAPMMQTADGQIEESYSISAGLDFPSVGPQHAYLNSIG
RADYVSITDDEALEAFKTLCRHEGIIPALESSHALAHALKMMREQPEKEQLLVVNLSGRGDKDIFTVHDILKARGEI
;
B
#
loop_
_chem_comp.id
_chem_comp.type
_chem_comp.name
_chem_comp.formula
1GP non-polymer SN-GLYCEROL-1-PHOSPHATE 'C3 H9 O6 P'
DMS non-polymer 'DIMETHYL SULFOXIDE' 'C2 H6 O S'
NA non-polymer 'SODIUM ION' 'Na 1'
PLP non-polymer PYRIDOXAL-5'-PHOSPHATE 'C8 H10 N O6 P'
#
# COMPACT_ATOMS: atom_id res chain seq x y z
N GLU A 2 -18.06 2.27 28.38
CA GLU A 2 -19.10 2.94 29.17
C GLU A 2 -18.85 4.43 29.26
N ARG A 3 -17.62 4.85 28.99
CA ARG A 3 -17.27 6.26 29.14
C ARG A 3 -17.92 7.13 28.07
N TYR A 4 -18.00 6.63 26.83
CA TYR A 4 -18.66 7.38 25.77
C TYR A 4 -20.15 7.54 26.09
N GLU A 5 -20.81 6.47 26.53
CA GLU A 5 -22.22 6.54 26.84
C GLU A 5 -22.49 7.52 27.98
N ASN A 6 -21.58 7.58 28.95
CA ASN A 6 -21.73 8.54 30.05
C ASN A 6 -21.44 9.96 29.58
N LEU A 7 -20.44 10.13 28.71
CA LEU A 7 -20.11 11.46 28.22
C LEU A 7 -21.26 12.04 27.40
N PHE A 8 -21.77 11.27 26.44
CA PHE A 8 -22.84 11.77 25.58
C PHE A 8 -24.12 12.02 26.36
N ALA A 9 -24.34 11.28 27.45
CA ALA A 9 -25.51 11.53 28.28
C ALA A 9 -25.37 12.84 29.05
N GLN A 10 -24.18 13.09 29.62
CA GLN A 10 -23.96 14.34 30.34
C GLN A 10 -23.99 15.54 29.40
N LEU A 11 -23.40 15.39 28.20
CA LEU A 11 -23.43 16.47 27.23
C LEU A 11 -24.84 16.74 26.74
N ASN A 12 -25.65 15.68 26.57
CA ASN A 12 -27.04 15.88 26.18
C ASN A 12 -27.82 16.59 27.28
N ASP A 13 -27.50 16.32 28.54
CA ASP A 13 -28.16 17.03 29.63
C ASP A 13 -27.81 18.51 29.64
N ARG A 14 -26.62 18.87 29.17
CA ARG A 14 -26.20 20.26 29.09
C ARG A 14 -26.48 20.90 27.75
N ARG A 15 -27.23 20.22 26.87
CA ARG A 15 -27.47 20.68 25.51
C ARG A 15 -26.16 21.00 24.81
N GLU A 16 -25.18 20.11 24.95
CA GLU A 16 -23.82 20.37 24.55
C GLU A 16 -23.32 19.32 23.57
N GLY A 17 -22.43 19.74 22.68
CA GLY A 17 -21.69 18.83 21.84
C GLY A 17 -20.32 18.52 22.42
N ALA A 18 -19.67 17.54 21.83
CA ALA A 18 -18.34 17.12 22.24
C ALA A 18 -17.29 17.74 21.33
N PHE A 19 -16.18 18.20 21.92
CA PHE A 19 -15.00 18.58 21.17
C PHE A 19 -13.89 17.58 21.48
N VAL A 20 -13.42 16.88 20.46
CA VAL A 20 -12.48 15.78 20.62
C VAL A 20 -11.24 16.10 19.79
N PRO A 21 -10.17 16.58 20.42
CA PRO A 21 -8.93 16.83 19.69
C PRO A 21 -8.16 15.55 19.44
N PHE A 22 -7.30 15.60 18.42
CA PHE A 22 -6.41 14.50 18.07
C PHE A 22 -4.96 14.97 18.12
N VAL A 23 -4.09 14.14 18.70
CA VAL A 23 -2.65 14.33 18.64
C VAL A 23 -2.00 12.96 18.44
N THR A 24 -0.82 12.97 17.84
CA THR A 24 0.00 11.76 17.76
C THR A 24 0.78 11.60 19.07
N LEU A 25 0.71 10.41 19.65
CA LEU A 25 1.40 10.16 20.91
C LEU A 25 2.91 10.29 20.72
N GLY A 26 3.56 11.00 21.64
CA GLY A 26 5.00 11.19 21.58
C GLY A 26 5.47 12.29 20.67
N ASP A 27 4.57 13.17 20.22
CA ASP A 27 4.93 14.29 19.36
C ASP A 27 4.90 15.57 20.17
N PRO A 28 5.99 16.35 20.25
CA PRO A 28 7.30 16.11 19.64
C PRO A 28 8.22 15.23 20.49
N GLY A 29 7.79 14.97 21.73
CA GLY A 29 8.51 14.08 22.63
C GLY A 29 7.52 13.52 23.63
N ILE A 30 7.97 12.50 24.37
CA ILE A 30 7.09 11.83 25.31
C ILE A 30 6.61 12.81 26.38
N GLU A 31 7.55 13.52 27.01
CA GLU A 31 7.18 14.43 28.09
C GLU A 31 6.30 15.56 27.60
N GLN A 32 6.68 16.20 26.49
CA GLN A 32 5.88 17.31 25.97
C GLN A 32 4.50 16.84 25.51
N SER A 33 4.43 15.63 24.95
CA SER A 33 3.13 15.10 24.53
C SER A 33 2.22 14.87 25.72
N LEU A 34 2.75 14.33 26.83
CA LEU A 34 1.96 14.20 28.04
C LEU A 34 1.51 15.56 28.55
N LYS A 35 2.37 16.57 28.44
CA LYS A 35 1.97 17.92 28.84
C LYS A 35 0.98 18.52 27.86
N ILE A 36 1.13 18.20 26.57
CA ILE A 36 0.16 18.62 25.56
C ILE A 36 -1.22 18.06 25.90
N ILE A 37 -1.28 16.76 26.20
CA ILE A 37 -2.57 16.10 26.41
C ILE A 37 -3.24 16.62 27.68
N ASP A 38 -2.46 16.85 28.74
CA ASP A 38 -3.03 17.44 29.95
C ASP A 38 -3.56 18.84 29.70
N THR A 39 -2.96 19.57 28.74
CA THR A 39 -3.44 20.91 28.43
C THR A 39 -4.74 20.85 27.65
N LEU A 40 -4.86 19.89 26.72
CA LEU A 40 -6.11 19.74 25.97
C LEU A 40 -7.29 19.48 26.90
N ILE A 41 -7.11 18.55 27.85
CA ILE A 41 -8.17 18.22 28.78
C ILE A 41 -8.49 19.40 29.69
N ASP A 42 -7.45 20.06 30.20
CA ASP A 42 -7.68 21.19 31.10
C ASP A 42 -8.36 22.35 30.40
N ALA A 43 -8.22 22.45 29.08
CA ALA A 43 -8.84 23.49 28.29
C ALA A 43 -10.26 23.15 27.84
N GLY A 44 -10.74 21.94 28.13
CA GLY A 44 -12.13 21.61 27.87
C GLY A 44 -12.38 20.49 26.88
N ALA A 45 -11.35 19.71 26.56
CA ALA A 45 -11.55 18.56 25.68
C ALA A 45 -12.47 17.55 26.34
N ASP A 46 -13.49 17.11 25.60
CA ASP A 46 -14.45 16.15 26.14
C ASP A 46 -13.96 14.72 25.99
N ALA A 47 -13.19 14.43 24.94
CA ALA A 47 -12.61 13.11 24.73
C ALA A 47 -11.34 13.27 23.93
N LEU A 48 -10.55 12.20 23.87
CA LEU A 48 -9.26 12.21 23.19
C LEU A 48 -9.25 11.18 22.06
N GLU A 49 -8.64 11.57 20.93
CA GLU A 49 -8.26 10.65 19.88
C GLU A 49 -6.74 10.68 19.78
N LEU A 50 -6.10 9.53 19.93
CA LEU A 50 -4.65 9.45 20.05
C LEU A 50 -4.10 8.48 19.01
N GLY A 51 -3.12 8.96 18.24
CA GLY A 51 -2.47 8.14 17.23
C GLY A 51 -1.15 7.60 17.73
N VAL A 52 -0.83 6.39 17.29
CA VAL A 52 0.44 5.75 17.59
C VAL A 52 1.35 5.94 16.38
N PRO A 53 2.57 6.45 16.56
CA PRO A 53 3.43 6.75 15.41
C PRO A 53 3.63 5.54 14.51
N PHE A 54 3.35 5.72 13.23
CA PHE A 54 3.47 4.66 12.24
C PHE A 54 4.33 5.15 11.08
N SER A 55 5.05 4.21 10.47
CA SER A 55 6.00 4.57 9.42
C SER A 55 5.32 5.05 8.15
N ASP A 56 4.08 4.64 7.91
CA ASP A 56 3.42 4.87 6.63
C ASP A 56 1.96 5.24 6.85
N PRO A 57 1.69 6.44 7.37
CA PRO A 57 0.29 6.87 7.62
C PRO A 57 -0.42 7.33 6.36
N LEU A 58 -0.97 6.36 5.61
CA LEU A 58 -1.49 6.62 4.27
C LEU A 58 -2.85 7.30 4.27
N ALA A 59 -3.40 7.65 5.44
CA ALA A 59 -4.66 8.38 5.50
C ALA A 59 -4.47 9.79 6.02
N ASP A 60 -3.23 10.26 6.16
CA ASP A 60 -2.92 11.53 6.80
C ASP A 60 -2.23 12.47 5.82
N GLY A 61 -2.55 13.76 5.94
CA GLY A 61 -1.89 14.77 5.16
C GLY A 61 -0.58 15.21 5.78
N PRO A 62 0.05 16.21 5.15
CA PRO A 62 1.40 16.62 5.58
C PRO A 62 1.52 16.97 7.05
N THR A 63 0.48 17.56 7.66
CA THR A 63 0.57 18.00 9.04
C THR A 63 0.79 16.81 9.97
N ILE A 64 -0.01 15.76 9.82
CA ILE A 64 0.12 14.59 10.69
C ILE A 64 1.22 13.64 10.18
N GLN A 65 1.53 13.65 8.89
CA GLN A 65 2.75 12.98 8.42
C GLN A 65 3.96 13.48 9.21
N ASN A 66 4.08 14.80 9.36
CA ASN A 66 5.20 15.36 10.10
C ASN A 66 5.11 15.05 11.59
N ALA A 67 3.88 14.93 12.13
CA ALA A 67 3.74 14.53 13.52
C ALA A 67 4.29 13.14 13.75
N ASN A 68 3.99 12.21 12.84
CA ASN A 68 4.58 10.88 12.93
C ASN A 68 6.09 10.93 12.73
N LEU A 69 6.57 11.86 11.91
CA LEU A 69 8.01 11.98 11.68
C LEU A 69 8.72 12.50 12.94
N ARG A 70 8.15 13.52 13.58
CA ARG A 70 8.75 14.06 14.80
C ARG A 70 8.79 13.01 15.90
N ALA A 71 7.71 12.25 16.07
CA ALA A 71 7.70 11.20 17.09
C ALA A 71 8.68 10.08 16.74
N PHE A 72 8.87 9.81 15.44
CA PHE A 72 9.93 8.90 15.04
C PHE A 72 11.30 9.45 15.40
N ALA A 73 11.49 10.77 15.22
CA ALA A 73 12.76 11.38 15.59
C ALA A 73 13.01 11.32 17.09
N ALA A 74 11.94 11.26 17.89
CA ALA A 74 12.06 11.10 19.32
C ALA A 74 12.23 9.65 19.74
N GLY A 75 12.15 8.71 18.81
CA GLY A 75 12.29 7.31 19.14
C GLY A 75 11.10 6.71 19.85
N VAL A 76 9.90 7.25 19.61
CA VAL A 76 8.69 6.79 20.30
C VAL A 76 8.26 5.46 19.70
N THR A 77 8.14 4.44 20.54
CA THR A 77 7.74 3.10 20.17
C THR A 77 6.30 2.84 20.57
N PRO A 78 5.64 1.83 19.97
CA PRO A 78 4.29 1.50 20.42
C PRO A 78 4.23 1.07 21.89
N ALA A 79 5.26 0.39 22.38
CA ALA A 79 5.29 0.01 23.79
C ALA A 79 5.34 1.24 24.68
N GLN A 80 6.10 2.27 24.28
CA GLN A 80 6.10 3.52 25.02
C GLN A 80 4.75 4.22 24.96
N CYS A 81 4.04 4.08 23.84
CA CYS A 81 2.72 4.70 23.74
C CYS A 81 1.74 4.10 24.74
N PHE A 82 1.83 2.78 24.96
CA PHE A 82 0.91 2.14 25.88
C PHE A 82 1.24 2.49 27.33
N GLU A 83 2.50 2.79 27.63
CA GLU A 83 2.84 3.30 28.95
C GLU A 83 2.29 4.70 29.15
N MET A 84 2.27 5.52 28.09
CA MET A 84 1.63 6.83 28.17
C MET A 84 0.13 6.68 28.39
N LEU A 85 -0.51 5.79 27.63
CA LEU A 85 -1.95 5.59 27.75
C LEU A 85 -2.33 5.17 29.16
N ALA A 86 -1.52 4.31 29.79
CA ALA A 86 -1.80 3.90 31.16
C ALA A 86 -1.72 5.08 32.12
N LEU A 87 -0.76 5.99 31.90
CA LEU A 87 -0.64 7.15 32.77
C LEU A 87 -1.76 8.15 32.50
N ILE A 88 -2.14 8.32 31.23
CA ILE A 88 -3.21 9.25 30.90
C ILE A 88 -4.53 8.78 31.50
N ARG A 89 -4.82 7.47 31.42
CA ARG A 89 -6.04 6.94 32.01
C ARG A 89 -6.01 7.07 33.53
N GLU A 90 -4.85 6.89 34.15
CA GLU A 90 -4.76 7.07 35.60
C GLU A 90 -4.90 8.53 35.99
N LYS A 91 -4.55 9.46 35.10
CA LYS A 91 -4.71 10.87 35.41
C LYS A 91 -6.15 11.35 35.21
N HIS A 92 -6.87 10.77 34.25
CA HIS A 92 -8.21 11.23 33.91
C HIS A 92 -9.13 10.02 33.78
N PRO A 93 -9.88 9.68 34.83
CA PRO A 93 -10.63 8.42 34.84
C PRO A 93 -11.92 8.45 34.03
N THR A 94 -12.42 9.61 33.65
CA THR A 94 -13.72 9.70 32.99
C THR A 94 -13.65 10.04 31.52
N ILE A 95 -12.60 10.70 31.06
CA ILE A 95 -12.56 11.15 29.67
C ILE A 95 -12.40 9.94 28.75
N PRO A 96 -13.19 9.83 27.68
CA PRO A 96 -13.02 8.69 26.76
C PRO A 96 -11.72 8.82 25.98
N ILE A 97 -10.97 7.72 25.92
CA ILE A 97 -9.70 7.67 25.20
C ILE A 97 -9.89 6.75 24.01
N GLY A 98 -9.79 7.32 22.80
CA GLY A 98 -9.91 6.57 21.56
C GLY A 98 -8.57 6.54 20.85
N LEU A 99 -8.22 5.38 20.31
CA LEU A 99 -6.99 5.22 19.54
C LEU A 99 -7.31 5.28 18.06
N LEU A 100 -6.42 5.92 17.30
CA LEU A 100 -6.49 5.94 15.84
C LEU A 100 -5.27 5.18 15.33
N MET A 101 -5.48 3.95 14.90
CA MET A 101 -4.40 3.03 14.57
C MET A 101 -4.34 2.76 13.09
N TYR A 102 -3.17 2.30 12.66
CA TYR A 102 -3.02 1.65 11.36
C TYR A 102 -2.92 0.15 11.58
N ALA A 103 -3.36 -0.62 10.58
CA ALA A 103 -3.69 -2.02 10.79
C ALA A 103 -2.46 -2.83 11.22
N ASN A 104 -1.28 -2.52 10.67
CA ASN A 104 -0.12 -3.36 10.94
C ASN A 104 0.26 -3.35 12.42
N LEU A 105 0.14 -2.19 13.07
CA LEU A 105 0.47 -2.12 14.50
C LEU A 105 -0.53 -2.89 15.35
N VAL A 106 -1.76 -3.02 14.88
CA VAL A 106 -2.75 -3.84 15.59
C VAL A 106 -2.51 -5.32 15.32
N PHE A 107 -2.11 -5.66 14.08
CA PHE A 107 -1.91 -7.04 13.68
C PHE A 107 -0.57 -7.59 14.14
N ASN A 108 0.40 -6.73 14.44
CA ASN A 108 1.79 -7.14 14.59
C ASN A 108 1.96 -8.22 15.64
N ASN A 109 1.67 -7.90 16.90
CA ASN A 109 1.78 -8.85 18.00
C ASN A 109 0.52 -9.65 18.23
N GLY A 110 -0.32 -9.80 17.20
CA GLY A 110 -1.59 -10.47 17.35
C GLY A 110 -2.73 -9.49 17.59
N ILE A 111 -3.84 -9.68 16.86
CA ILE A 111 -4.97 -8.76 16.98
C ILE A 111 -5.53 -8.82 18.40
N ASP A 112 -5.71 -10.02 18.94
CA ASP A 112 -6.28 -10.16 20.28
C ASP A 112 -5.37 -9.54 21.33
N ALA A 113 -4.06 -9.74 21.20
CA ALA A 113 -3.12 -9.19 22.18
C ALA A 113 -3.12 -7.66 22.16
N PHE A 114 -3.37 -7.05 21.01
CA PHE A 114 -3.42 -5.59 20.96
C PHE A 114 -4.58 -5.05 21.76
N TYR A 115 -5.79 -5.59 21.54
CA TYR A 115 -6.96 -5.09 22.25
C TYR A 115 -6.93 -5.50 23.71
N ALA A 116 -6.29 -6.62 24.03
CA ALA A 116 -6.06 -6.96 25.43
C ALA A 116 -5.16 -5.95 26.10
N ARG A 117 -4.13 -5.48 25.38
CA ARG A 117 -3.29 -4.42 25.91
C ARG A 117 -4.05 -3.11 26.03
N CYS A 118 -4.96 -2.84 25.08
CA CYS A 118 -5.80 -1.66 25.18
C CYS A 118 -6.69 -1.70 26.41
N GLU A 119 -7.23 -2.88 26.72
CA GLU A 119 -8.06 -3.01 27.91
C GLU A 119 -7.25 -2.80 29.19
N GLN A 120 -6.02 -3.32 29.21
CA GLN A 120 -5.18 -3.19 30.40
C GLN A 120 -4.91 -1.73 30.74
N VAL A 121 -4.71 -0.89 29.71
CA VAL A 121 -4.36 0.50 29.95
C VAL A 121 -5.56 1.43 30.01
N GLY A 122 -6.77 0.92 29.75
CA GLY A 122 -7.97 1.72 29.90
C GLY A 122 -8.43 2.45 28.66
N VAL A 123 -8.00 2.02 27.48
CA VAL A 123 -8.50 2.61 26.23
C VAL A 123 -9.98 2.28 26.08
N ASP A 124 -10.74 3.23 25.53
CA ASP A 124 -12.18 3.07 25.39
C ASP A 124 -12.63 2.68 24.00
N SER A 125 -11.89 3.07 22.96
CA SER A 125 -12.26 2.74 21.60
C SER A 125 -11.02 2.67 20.72
N VAL A 126 -11.14 1.93 19.62
CA VAL A 126 -10.07 1.82 18.63
C VAL A 126 -10.68 2.03 17.25
N LEU A 127 -10.14 2.97 16.50
CA LEU A 127 -10.40 3.12 15.08
C LEU A 127 -9.14 2.71 14.33
N VAL A 128 -9.28 1.79 13.38
CA VAL A 128 -8.18 1.34 12.54
C VAL A 128 -8.38 1.97 11.16
N ALA A 129 -7.49 2.90 10.80
CA ALA A 129 -7.75 3.77 9.65
C ALA A 129 -7.84 3.00 8.34
N ASP A 130 -7.04 1.95 8.18
CA ASP A 130 -6.98 1.22 6.92
C ASP A 130 -7.67 -0.15 7.00
N VAL A 131 -8.69 -0.27 7.84
CA VAL A 131 -9.53 -1.46 7.85
C VAL A 131 -10.97 -1.03 7.61
N PRO A 132 -11.53 -1.27 6.43
CA PRO A 132 -12.92 -0.90 6.19
C PRO A 132 -13.86 -1.84 6.93
N VAL A 133 -15.15 -1.47 6.91
CA VAL A 133 -16.17 -2.30 7.56
C VAL A 133 -16.15 -3.71 6.97
N GLU A 134 -15.89 -3.83 5.67
CA GLU A 134 -15.88 -5.11 5.00
C GLU A 134 -14.78 -6.03 5.50
N GLU A 135 -13.72 -5.49 6.11
CA GLU A 135 -12.62 -6.28 6.63
C GLU A 135 -12.54 -6.26 8.15
N SER A 136 -13.56 -5.72 8.81
CA SER A 136 -13.47 -5.38 10.22
C SER A 136 -13.82 -6.52 11.17
N ALA A 137 -14.24 -7.68 10.65
CA ALA A 137 -14.77 -8.74 11.51
C ALA A 137 -13.79 -9.14 12.61
N PRO A 138 -12.56 -9.59 12.32
CA PRO A 138 -11.68 -10.00 13.43
C PRO A 138 -11.29 -8.86 14.34
N PHE A 139 -11.26 -7.62 13.84
CA PHE A 139 -10.86 -6.49 14.66
C PHE A 139 -11.95 -6.12 15.66
N ARG A 140 -13.20 -6.07 15.21
CA ARG A 140 -14.29 -5.70 16.11
C ARG A 140 -14.59 -6.80 17.13
N GLN A 141 -14.40 -8.07 16.74
CA GLN A 141 -14.58 -9.16 17.68
C GLN A 141 -13.56 -9.07 18.81
N ALA A 142 -12.29 -8.81 18.46
CA ALA A 142 -11.26 -8.66 19.49
C ALA A 142 -11.51 -7.45 20.37
N ALA A 143 -12.00 -6.35 19.77
CA ALA A 143 -12.31 -5.16 20.54
C ALA A 143 -13.41 -5.43 21.57
N LEU A 144 -14.51 -6.03 21.12
CA LEU A 144 -15.63 -6.26 22.02
C LEU A 144 -15.30 -7.28 23.10
N ARG A 145 -14.45 -8.27 22.80
CA ARG A 145 -14.02 -9.22 23.81
C ARG A 145 -13.27 -8.56 24.95
N HIS A 146 -12.66 -7.40 24.71
CA HIS A 146 -11.93 -6.67 25.73
C HIS A 146 -12.57 -5.34 26.07
N ASN A 147 -13.88 -5.22 25.84
CA ASN A 147 -14.66 -4.05 26.20
C ASN A 147 -14.16 -2.79 25.51
N ILE A 148 -13.68 -2.94 24.27
CA ILE A 148 -13.25 -1.82 23.45
C ILE A 148 -14.33 -1.55 22.41
N ALA A 149 -14.67 -0.29 22.22
CA ALA A 149 -15.67 0.08 21.23
C ALA A 149 -15.02 0.10 19.84
N PRO A 150 -15.52 -0.69 18.89
CA PRO A 150 -15.00 -0.61 17.51
C PRO A 150 -15.61 0.59 16.78
N ILE A 151 -14.75 1.49 16.30
CA ILE A 151 -15.18 2.72 15.65
C ILE A 151 -15.19 2.50 14.14
N PHE A 152 -16.30 2.87 13.51
CA PHE A 152 -16.45 2.75 12.06
C PHE A 152 -16.69 4.12 11.45
N ILE A 153 -16.30 4.27 10.18
CA ILE A 153 -16.37 5.53 9.45
C ILE A 153 -17.64 5.55 8.62
N CYS A 154 -18.38 6.66 8.70
CA CYS A 154 -19.45 6.91 7.75
C CYS A 154 -18.97 7.96 6.75
N PRO A 155 -18.57 7.57 5.55
CA PRO A 155 -18.09 8.54 4.57
C PRO A 155 -19.25 9.33 3.97
N PRO A 156 -18.98 10.48 3.35
CA PRO A 156 -20.08 11.28 2.80
C PRO A 156 -20.81 10.62 1.64
N ASN A 157 -20.21 9.62 0.98
CA ASN A 157 -20.85 8.93 -0.13
C ASN A 157 -21.41 7.57 0.30
N ALA A 158 -21.75 7.42 1.57
CA ALA A 158 -22.21 6.14 2.08
C ALA A 158 -23.61 5.81 1.55
N ASP A 159 -23.78 4.59 1.05
CA ASP A 159 -25.09 4.11 0.66
C ASP A 159 -25.84 3.60 1.89
N ASP A 160 -27.09 3.18 1.68
CA ASP A 160 -27.91 2.74 2.81
C ASP A 160 -27.37 1.46 3.44
N ASP A 161 -26.79 0.56 2.65
CA ASP A 161 -26.24 -0.67 3.20
C ASP A 161 -25.10 -0.39 4.16
N LEU A 162 -24.22 0.55 3.81
CA LEU A 162 -23.12 0.90 4.69
C LEU A 162 -23.63 1.60 5.96
N LEU A 163 -24.69 2.40 5.83
CA LEU A 163 -25.25 3.07 7.00
C LEU A 163 -25.74 2.05 8.03
N ARG A 164 -26.36 0.97 7.56
CA ARG A 164 -26.90 -0.03 8.48
C ARG A 164 -25.77 -0.82 9.15
N GLN A 165 -24.72 -1.14 8.41
CA GLN A 165 -23.60 -1.89 8.98
C GLN A 165 -22.88 -1.07 10.04
N VAL A 166 -22.55 0.18 9.72
CA VAL A 166 -21.89 1.06 10.69
C VAL A 166 -22.75 1.21 11.94
N ALA A 167 -24.07 1.31 11.75
CA ALA A 167 -24.96 1.43 12.91
C ALA A 167 -25.06 0.12 13.68
N SER A 168 -25.07 -1.01 12.97
CA SER A 168 -25.28 -2.30 13.62
C SER A 168 -24.02 -2.82 14.32
N TYR A 169 -22.84 -2.42 13.85
CA TYR A 169 -21.59 -2.92 14.43
C TYR A 169 -20.79 -1.87 15.19
N GLY A 170 -21.10 -0.59 15.02
CA GLY A 170 -20.35 0.45 15.72
C GLY A 170 -20.79 0.59 17.17
N ARG A 171 -19.84 1.03 17.99
CA ARG A 171 -20.08 1.31 19.40
C ARG A 171 -19.31 2.57 19.78
N GLY A 172 -19.69 3.16 20.92
CA GLY A 172 -19.01 4.34 21.41
C GLY A 172 -19.35 5.60 20.65
N TYR A 173 -18.90 5.71 19.40
CA TYR A 173 -19.28 6.82 18.55
C TYR A 173 -19.09 6.42 17.09
N THR A 174 -19.76 7.15 16.21
CA THR A 174 -19.61 6.98 14.77
C THR A 174 -18.75 8.11 14.22
N TYR A 175 -17.70 7.76 13.48
CA TYR A 175 -16.84 8.78 12.88
C TYR A 175 -17.50 9.25 11.59
N LEU A 176 -18.09 10.44 11.64
CA LEU A 176 -18.74 11.04 10.49
C LEU A 176 -17.70 11.80 9.68
N LEU A 177 -17.37 11.28 8.49
CA LEU A 177 -16.34 11.88 7.65
C LEU A 177 -16.87 13.12 6.96
N SER A 178 -16.12 14.22 7.04
CA SER A 178 -16.56 15.46 6.42
C SER A 178 -16.41 15.43 4.90
N ARG A 179 -15.38 14.78 4.40
CA ARG A 179 -15.03 14.86 2.99
C ARG A 179 -14.16 13.67 2.62
N SER A 180 -13.89 13.54 1.32
CA SER A 180 -12.93 12.58 0.83
C SER A 180 -11.51 13.10 1.09
N GLY A 181 -10.52 12.35 0.61
CA GLY A 181 -9.14 12.75 0.79
C GLY A 181 -8.58 12.27 2.12
N VAL A 182 -7.53 12.97 2.56
CA VAL A 182 -6.82 12.63 3.79
C VAL A 182 -6.94 13.77 4.79
N THR A 183 -6.38 13.60 5.98
CA THR A 183 -6.50 14.60 7.02
C THR A 183 -5.80 15.90 6.61
N GLY A 184 -6.32 17.02 7.11
CA GLY A 184 -5.75 18.32 6.81
C GLY A 184 -6.68 19.46 7.16
N ALA A 185 -6.19 20.41 7.94
CA ALA A 185 -7.01 21.56 8.33
C ALA A 185 -7.24 22.52 7.18
N GLU A 186 -6.35 22.54 6.18
CA GLU A 186 -6.50 23.46 5.07
C GLU A 186 -7.65 23.10 4.15
N ASN A 187 -8.13 21.86 4.20
CA ASN A 187 -9.21 21.39 3.34
C ASN A 187 -10.44 21.11 4.19
N ARG A 188 -11.56 21.74 3.83
CA ARG A 188 -12.79 21.67 4.60
C ARG A 188 -13.87 20.94 3.81
N GLY A 189 -14.67 20.15 4.50
CA GLY A 189 -15.74 19.41 3.83
C GLY A 189 -16.81 20.33 3.29
N ALA A 190 -17.25 20.05 2.06
CA ALA A 190 -18.19 20.91 1.35
C ALA A 190 -19.48 20.17 0.98
N LEU A 191 -19.92 19.26 1.85
CA LEU A 191 -21.18 18.54 1.65
C LEU A 191 -21.98 18.59 2.94
N PRO A 192 -23.23 19.07 2.91
CA PRO A 192 -24.08 19.01 4.11
C PRO A 192 -24.37 17.57 4.48
N LEU A 193 -24.06 17.21 5.72
CA LEU A 193 -24.17 15.84 6.19
C LEU A 193 -25.46 15.60 6.98
N HIS A 194 -26.48 16.44 6.78
CA HIS A 194 -27.70 16.33 7.58
C HIS A 194 -28.41 15.00 7.32
N HIS A 195 -28.51 14.58 6.06
CA HIS A 195 -29.23 13.34 5.75
C HIS A 195 -28.54 12.13 6.36
N LEU A 196 -27.21 12.10 6.34
CA LEU A 196 -26.48 10.99 6.94
C LEU A 196 -26.65 10.98 8.45
N ILE A 197 -26.71 12.17 9.07
CA ILE A 197 -26.85 12.25 10.52
C ILE A 197 -28.20 11.67 10.95
N GLU A 198 -29.27 12.05 10.25
CA GLU A 198 -30.59 11.54 10.59
C GLU A 198 -30.74 10.07 10.27
N LYS A 199 -30.10 9.60 9.19
CA LYS A 199 -30.15 8.18 8.87
C LYS A 199 -29.43 7.35 9.93
N LEU A 200 -28.31 7.86 10.45
CA LEU A 200 -27.60 7.17 11.53
C LEU A 200 -28.46 7.11 12.79
N LYS A 201 -29.17 8.20 13.10
CA LYS A 201 -30.05 8.19 14.26
C LYS A 201 -31.23 7.24 14.06
N GLU A 202 -31.76 7.18 12.83
CA GLU A 202 -32.87 6.28 12.56
C GLU A 202 -32.47 4.82 12.77
N TYR A 203 -31.23 4.48 12.44
CA TYR A 203 -30.72 3.12 12.59
C TYR A 203 -30.06 2.90 13.95
N HIS A 204 -30.26 3.81 14.90
CA HIS A 204 -29.73 3.68 16.26
C HIS A 204 -28.21 3.49 16.25
N ALA A 205 -27.53 4.25 15.39
CA ALA A 205 -26.08 4.23 15.38
C ALA A 205 -25.53 4.93 16.62
N ALA A 206 -24.26 4.63 16.92
CA ALA A 206 -23.58 5.34 17.98
C ALA A 206 -23.47 6.82 17.62
N PRO A 207 -23.48 7.73 18.61
CA PRO A 207 -23.49 9.16 18.31
C PRO A 207 -22.36 9.57 17.38
N ALA A 208 -22.67 10.46 16.45
CA ALA A 208 -21.77 10.82 15.37
C ALA A 208 -20.85 11.96 15.77
N LEU A 209 -19.54 11.78 15.53
CA LEU A 209 -18.55 12.83 15.67
C LEU A 209 -17.99 13.14 14.29
N GLN A 210 -18.07 14.41 13.88
CA GLN A 210 -17.59 14.79 12.56
C GLN A 210 -16.09 15.08 12.61
N GLY A 211 -15.34 14.53 11.64
CA GLY A 211 -13.92 14.73 11.58
C GLY A 211 -13.47 14.98 10.15
N PHE A 212 -12.21 15.46 10.03
CA PHE A 212 -11.55 15.90 8.80
C PHE A 212 -11.90 17.34 8.46
N GLY A 213 -10.93 18.24 8.56
CA GLY A 213 -11.09 19.63 8.16
C GLY A 213 -11.61 20.56 9.24
N ILE A 214 -12.04 20.04 10.38
CA ILE A 214 -12.60 20.88 11.45
C ILE A 214 -11.46 21.67 12.09
N SER A 215 -11.40 22.97 11.80
CA SER A 215 -10.34 23.82 12.34
C SER A 215 -10.81 25.13 12.92
N SER A 216 -12.11 25.42 12.88
CA SER A 216 -12.61 26.70 13.36
C SER A 216 -13.79 26.49 14.30
N PRO A 217 -14.05 27.43 15.20
CA PRO A 217 -15.22 27.29 16.09
C PRO A 217 -16.54 27.16 15.35
N GLU A 218 -16.72 27.90 14.25
CA GLU A 218 -17.98 27.86 13.52
C GLU A 218 -18.24 26.47 12.92
N GLN A 219 -17.19 25.69 12.67
CA GLN A 219 -17.40 24.34 12.16
C GLN A 219 -17.92 23.41 13.26
N VAL A 220 -17.42 23.58 14.48
CA VAL A 220 -17.94 22.80 15.61
C VAL A 220 -19.41 23.12 15.84
N SER A 221 -19.76 24.41 15.78
CA SER A 221 -21.16 24.80 15.98
C SER A 221 -22.04 24.29 14.85
N ALA A 222 -21.54 24.33 13.62
CA ALA A 222 -22.32 23.84 12.49
C ALA A 222 -22.54 22.33 12.58
N ALA A 223 -21.53 21.59 13.05
CA ALA A 223 -21.69 20.14 13.20
C ALA A 223 -22.73 19.82 14.26
N VAL A 224 -22.69 20.52 15.40
CA VAL A 224 -23.69 20.29 16.45
C VAL A 224 -25.08 20.69 15.96
N ARG A 225 -25.17 21.83 15.27
CA ARG A 225 -26.46 22.28 14.75
C ARG A 225 -27.03 21.32 13.71
N ALA A 226 -26.16 20.71 12.91
CA ALA A 226 -26.61 19.75 11.90
C ALA A 226 -27.08 18.43 12.48
N GLY A 227 -26.94 18.23 13.80
CA GLY A 227 -27.41 17.03 14.46
C GLY A 227 -26.33 16.11 14.99
N ALA A 228 -25.07 16.38 14.68
CA ALA A 228 -23.98 15.52 15.16
C ALA A 228 -23.73 15.76 16.64
N ALA A 229 -23.26 14.71 17.33
CA ALA A 229 -23.00 14.79 18.75
C ALA A 229 -21.72 15.57 19.08
N GLY A 230 -20.92 15.90 18.08
CA GLY A 230 -19.69 16.62 18.33
C GLY A 230 -18.81 16.61 17.10
N ALA A 231 -17.58 17.08 17.28
CA ALA A 231 -16.64 17.24 16.18
C ALA A 231 -15.24 16.88 16.64
N ILE A 232 -14.46 16.30 15.73
CA ILE A 232 -13.08 15.91 15.97
C ILE A 232 -12.16 16.85 15.20
N SER A 233 -11.10 17.31 15.85
CA SER A 233 -10.13 18.22 15.23
C SER A 233 -8.73 17.67 15.45
N GLY A 234 -8.02 17.41 14.35
CA GLY A 234 -6.67 16.87 14.44
C GLY A 234 -5.59 17.77 13.92
N SER A 235 -5.60 18.02 12.60
CA SER A 235 -4.53 18.80 11.99
C SER A 235 -4.44 20.21 12.54
N ALA A 236 -5.59 20.81 12.89
CA ALA A 236 -5.57 22.14 13.49
C ALA A 236 -4.83 22.13 14.82
N ILE A 237 -4.95 21.05 15.59
CA ILE A 237 -4.21 20.94 16.85
C ILE A 237 -2.72 20.73 16.57
N VAL A 238 -2.41 19.83 15.64
CA VAL A 238 -1.01 19.48 15.37
C VAL A 238 -0.27 20.66 14.77
N LYS A 239 -0.95 21.52 14.01
CA LYS A 239 -0.30 22.70 13.46
C LYS A 239 0.20 23.62 14.56
N ILE A 240 -0.51 23.70 15.68
CA ILE A 240 -0.05 24.52 16.80
C ILE A 240 1.21 23.92 17.41
N ILE A 241 1.28 22.59 17.48
CA ILE A 241 2.50 21.93 17.93
C ILE A 241 3.66 22.25 16.99
N GLU A 242 3.43 22.05 15.69
CA GLU A 242 4.48 22.30 14.70
C GLU A 242 4.89 23.77 14.70
N LYS A 243 3.93 24.68 14.89
CA LYS A 243 4.24 26.10 14.86
C LYS A 243 5.14 26.51 16.02
N ASN A 244 4.96 25.90 17.19
CA ASN A 244 5.64 26.32 18.40
C ASN A 244 6.63 25.27 18.92
N LEU A 245 7.24 24.51 18.01
CA LEU A 245 8.23 23.52 18.42
C LEU A 245 9.39 24.16 19.17
N ALA A 246 9.73 25.40 18.84
CA ALA A 246 10.84 26.09 19.49
C ALA A 246 10.48 26.63 20.86
N SER A 247 9.19 26.84 21.14
CA SER A 247 8.75 27.38 22.42
C SER A 247 7.70 26.43 23.01
N PRO A 248 8.12 25.45 23.80
CA PRO A 248 7.14 24.53 24.40
C PRO A 248 6.14 25.23 25.30
N LYS A 249 6.52 26.31 25.98
CA LYS A 249 5.59 27.02 26.83
C LYS A 249 4.53 27.75 26.00
N GLN A 250 4.94 28.41 24.93
CA GLN A 250 3.96 29.04 24.04
C GLN A 250 3.10 28.01 23.33
N MET A 251 3.63 26.81 23.13
CA MET A 251 2.85 25.73 22.52
C MET A 251 1.64 25.39 23.38
N LEU A 252 1.86 25.20 24.69
CA LEU A 252 0.76 24.89 25.59
C LEU A 252 -0.21 26.07 25.70
N ALA A 253 0.29 27.30 25.64
CA ALA A 253 -0.57 28.46 25.77
C ALA A 253 -1.51 28.59 24.57
N GLU A 254 -1.00 28.35 23.36
CA GLU A 254 -1.84 28.44 22.18
C GLU A 254 -2.78 27.24 22.05
N LEU A 255 -2.35 26.07 22.51
CA LEU A 255 -3.26 24.92 22.54
C LEU A 255 -4.43 25.17 23.46
N ARG A 256 -4.20 25.83 24.59
CA ARG A 256 -5.28 26.10 25.53
C ARG A 256 -6.28 27.09 24.95
N SER A 257 -5.80 28.12 24.26
CA SER A 257 -6.69 29.11 23.68
C SER A 257 -7.55 28.51 22.58
N PHE A 258 -6.96 27.68 21.72
CA PHE A 258 -7.71 27.08 20.63
C PHE A 258 -8.75 26.08 21.14
N VAL A 259 -8.34 25.16 22.01
CA VAL A 259 -9.25 24.13 22.51
C VAL A 259 -10.39 24.77 23.29
N SER A 260 -10.09 25.78 24.11
CA SER A 260 -11.12 26.47 24.87
C SER A 260 -12.12 27.16 23.93
N ALA A 261 -11.62 27.72 22.82
CA ALA A 261 -12.51 28.36 21.87
C ALA A 261 -13.34 27.32 21.11
N MET A 262 -12.73 26.20 20.76
CA MET A 262 -13.47 25.15 20.05
C MET A 262 -14.52 24.51 20.96
N LYS A 263 -14.18 24.28 22.22
CA LYS A 263 -15.15 23.69 23.16
C LYS A 263 -16.31 24.65 23.41
N ALA A 264 -16.03 25.94 23.55
CA ALA A 264 -17.11 26.91 23.75
C ALA A 264 -18.06 26.93 22.56
N ALA A 265 -17.58 26.60 21.36
CA ALA A 265 -18.44 26.56 20.19
C ALA A 265 -19.38 25.36 20.21
N SER A 266 -19.10 24.35 21.04
CA SER A 266 -19.96 23.18 21.14
C SER A 266 -21.19 23.43 22.01
N ARG A 267 -21.19 24.50 22.81
CA ARG A 267 -22.35 24.84 23.60
C ARG A 267 -23.46 25.37 22.69
N ALA A 268 -24.60 24.69 22.68
CA ALA A 268 -25.72 25.09 21.84
C ALA A 268 -26.57 26.15 22.54
N THR B 2 -19.24 -6.37 0.15
CA THR B 2 -19.46 -7.46 -0.79
C THR B 2 -18.73 -7.19 -2.10
N THR B 3 -18.06 -8.23 -2.63
CA THR B 3 -17.33 -8.13 -3.87
C THR B 3 -17.83 -9.19 -4.86
N LEU B 4 -17.48 -9.01 -6.13
CA LEU B 4 -17.81 -10.01 -7.14
C LEU B 4 -16.85 -11.19 -7.08
N LEU B 5 -15.58 -10.93 -6.81
CA LEU B 5 -14.55 -11.96 -6.73
C LEU B 5 -14.02 -12.06 -5.31
N ASN B 6 -13.45 -13.22 -5.01
CA ASN B 6 -12.80 -13.43 -3.72
C ASN B 6 -11.61 -12.50 -3.58
N PRO B 7 -11.58 -11.61 -2.60
CA PRO B 7 -10.44 -10.72 -2.41
C PRO B 7 -9.21 -11.39 -1.82
N TYR B 8 -9.32 -12.65 -1.41
CA TYR B 8 -8.25 -13.33 -0.68
C TYR B 8 -7.72 -14.50 -1.48
N PHE B 9 -6.42 -14.73 -1.34
CA PHE B 9 -5.76 -15.96 -1.79
C PHE B 9 -5.38 -16.70 -0.51
N GLY B 10 -6.22 -17.65 -0.10
CA GLY B 10 -6.04 -18.25 1.20
C GLY B 10 -6.26 -17.19 2.27
N GLU B 11 -5.25 -17.00 3.13
CA GLU B 11 -5.31 -15.99 4.17
C GLU B 11 -4.72 -14.65 3.75
N PHE B 12 -4.16 -14.56 2.54
CA PHE B 12 -3.45 -13.37 2.11
C PHE B 12 -4.31 -12.52 1.17
N GLY B 13 -4.07 -11.21 1.18
CA GLY B 13 -4.79 -10.31 0.30
C GLY B 13 -5.73 -9.37 1.03
N GLY B 14 -6.96 -9.30 0.57
CA GLY B 14 -7.94 -8.43 1.19
C GLY B 14 -7.95 -7.04 0.58
N MET B 15 -8.75 -6.17 1.20
CA MET B 15 -8.95 -4.79 0.76
C MET B 15 -8.78 -3.87 1.97
N TYR B 16 -7.55 -3.73 2.45
CA TYR B 16 -7.27 -2.97 3.66
C TYR B 16 -6.97 -1.51 3.32
N VAL B 17 -8.00 -0.80 2.89
CA VAL B 17 -7.90 0.61 2.56
C VAL B 17 -8.87 1.36 3.45
N PRO B 18 -8.65 2.67 3.62
CA PRO B 18 -9.65 3.48 4.33
C PRO B 18 -11.02 3.35 3.69
N GLN B 19 -12.06 3.48 4.52
CA GLN B 19 -13.44 3.30 4.06
C GLN B 19 -13.75 4.14 2.83
N ILE B 20 -13.14 5.33 2.73
CA ILE B 20 -13.45 6.25 1.64
C ILE B 20 -13.07 5.65 0.28
N LEU B 21 -12.10 4.74 0.25
CA LEU B 21 -11.62 4.18 -1.01
C LEU B 21 -12.36 2.92 -1.45
N MET B 22 -13.21 2.35 -0.59
CA MET B 22 -13.90 1.11 -0.95
C MET B 22 -14.79 1.25 -2.18
N PRO B 23 -15.58 2.32 -2.37
CA PRO B 23 -16.31 2.44 -3.64
C PRO B 23 -15.41 2.43 -4.86
N ALA B 24 -14.22 3.03 -4.77
CA ALA B 24 -13.29 3.01 -5.89
C ALA B 24 -12.84 1.59 -6.22
N LEU B 25 -12.61 0.77 -5.19
CA LEU B 25 -12.23 -0.62 -5.44
C LEU B 25 -13.40 -1.43 -5.98
N ASN B 26 -14.60 -1.20 -5.45
CA ASN B 26 -15.77 -1.90 -5.97
C ASN B 26 -16.03 -1.54 -7.43
N GLN B 27 -15.92 -0.26 -7.77
CA GLN B 27 -16.10 0.15 -9.16
C GLN B 27 -15.05 -0.51 -10.06
N LEU B 28 -13.79 -0.57 -9.60
CA LEU B 28 -12.74 -1.16 -10.41
C LEU B 28 -12.97 -2.64 -10.64
N GLU B 29 -13.38 -3.38 -9.59
CA GLU B 29 -13.62 -4.80 -9.76
C GLU B 29 -14.74 -5.06 -10.75
N GLU B 30 -15.82 -4.29 -10.65
CA GLU B 30 -16.96 -4.48 -11.55
C GLU B 30 -16.61 -4.14 -12.99
N ALA B 31 -15.87 -3.04 -13.20
CA ALA B 31 -15.46 -2.70 -14.55
C ALA B 31 -14.49 -3.73 -15.12
N PHE B 32 -13.64 -4.30 -14.26
CA PHE B 32 -12.75 -5.36 -14.72
C PHE B 32 -13.54 -6.61 -15.11
N VAL B 33 -14.43 -7.07 -14.22
CA VAL B 33 -15.25 -8.24 -14.53
C VAL B 33 -16.05 -8.01 -15.80
N SER B 34 -16.59 -6.80 -15.98
CA SER B 34 -17.32 -6.49 -17.20
C SER B 34 -16.40 -6.48 -18.42
N ALA B 35 -15.20 -5.92 -18.28
CA ALA B 35 -14.28 -5.88 -19.41
C ALA B 35 -13.86 -7.27 -19.85
N GLN B 36 -13.64 -8.17 -18.89
CA GLN B 36 -13.20 -9.52 -19.22
C GLN B 36 -14.24 -10.29 -20.04
N LYS B 37 -15.51 -9.91 -19.95
CA LYS B 37 -16.57 -10.53 -20.73
C LYS B 37 -16.90 -9.75 -21.99
N ASP B 38 -16.24 -8.61 -22.22
CA ASP B 38 -16.55 -7.74 -23.35
C ASP B 38 -15.58 -8.03 -24.48
N PRO B 39 -16.04 -8.61 -25.59
CA PRO B 39 -15.10 -8.88 -26.71
C PRO B 39 -14.54 -7.61 -27.34
N GLU B 40 -15.26 -6.50 -27.25
CA GLU B 40 -14.73 -5.24 -27.76
C GLU B 40 -13.53 -4.77 -26.94
N PHE B 41 -13.58 -5.00 -25.62
CA PHE B 41 -12.44 -4.66 -24.78
C PHE B 41 -11.24 -5.55 -25.10
N GLN B 42 -11.47 -6.85 -25.30
CA GLN B 42 -10.37 -7.76 -25.56
C GLN B 42 -9.74 -7.48 -26.93
N ALA B 43 -10.56 -7.08 -27.91
CA ALA B 43 -10.03 -6.76 -29.23
C ALA B 43 -9.17 -5.50 -29.18
N GLN B 44 -9.63 -4.47 -28.47
CA GLN B 44 -8.81 -3.26 -28.32
C GLN B 44 -7.54 -3.55 -27.55
N PHE B 45 -7.62 -4.36 -26.50
CA PHE B 45 -6.42 -4.75 -25.74
C PHE B 45 -5.47 -5.54 -26.63
N ALA B 46 -5.99 -6.52 -27.36
CA ALA B 46 -5.15 -7.31 -28.26
C ALA B 46 -4.55 -6.44 -29.35
N ASP B 47 -5.32 -5.46 -29.86
CA ASP B 47 -4.82 -4.57 -30.90
C ASP B 47 -3.64 -3.75 -30.38
N LEU B 48 -3.71 -3.27 -29.14
CA LEU B 48 -2.62 -2.50 -28.58
C LEU B 48 -1.41 -3.39 -28.28
N LEU B 49 -1.66 -4.61 -27.80
CA LEU B 49 -0.55 -5.50 -27.45
C LEU B 49 0.23 -5.93 -28.69
N LYS B 50 -0.48 -6.21 -29.78
CA LYS B 50 0.17 -6.71 -30.98
C LYS B 50 0.81 -5.58 -31.78
N ASN B 51 0.03 -4.56 -32.14
CA ASN B 51 0.46 -3.56 -33.10
C ASN B 51 1.17 -2.37 -32.48
N TYR B 52 1.15 -2.23 -31.15
CA TYR B 52 1.85 -1.14 -30.50
C TYR B 52 2.96 -1.62 -29.57
N ALA B 53 2.70 -2.65 -28.76
CA ALA B 53 3.69 -3.17 -27.81
C ALA B 53 4.62 -4.19 -28.44
N GLY B 54 4.18 -4.90 -29.46
CA GLY B 54 5.00 -5.87 -30.15
C GLY B 54 4.73 -7.34 -29.83
N ARG B 55 3.59 -7.67 -29.22
CA ARG B 55 3.28 -9.06 -28.92
C ARG B 55 2.92 -9.81 -30.20
N PRO B 56 3.18 -11.13 -30.26
CA PRO B 56 3.80 -11.93 -29.21
C PRO B 56 5.31 -11.76 -29.17
N THR B 57 5.91 -11.95 -28.00
CA THR B 57 7.35 -11.89 -27.85
C THR B 57 7.96 -13.26 -28.13
N ALA B 58 9.23 -13.26 -28.53
CA ALA B 58 9.89 -14.49 -28.90
C ALA B 58 10.16 -15.36 -27.67
N LEU B 59 10.38 -16.64 -27.92
CA LEU B 59 10.86 -17.58 -26.91
C LEU B 59 12.20 -18.11 -27.42
N THR B 60 13.30 -17.60 -26.86
CA THR B 60 14.64 -17.83 -27.39
C THR B 60 15.29 -19.00 -26.68
N LYS B 61 15.81 -19.95 -27.47
CA LYS B 61 16.56 -21.08 -26.94
C LYS B 61 18.03 -20.69 -26.82
N CYS B 62 18.56 -20.78 -25.60
CA CYS B 62 19.96 -20.43 -25.35
C CYS B 62 20.78 -21.72 -25.33
N GLN B 63 21.50 -21.97 -26.42
CA GLN B 63 22.30 -23.17 -26.56
C GLN B 63 23.72 -23.00 -26.03
N ASN B 64 24.29 -21.80 -26.14
CA ASN B 64 25.63 -21.57 -25.60
C ASN B 64 25.63 -21.59 -24.07
N ILE B 65 24.58 -21.02 -23.46
CA ILE B 65 24.49 -20.94 -22.00
C ILE B 65 24.62 -22.31 -21.37
N THR B 66 23.93 -23.31 -21.93
CA THR B 66 23.77 -24.60 -21.28
C THR B 66 24.71 -25.67 -21.81
N ALA B 67 25.75 -25.28 -22.56
CA ALA B 67 26.67 -26.26 -23.13
C ALA B 67 27.35 -27.06 -22.02
N GLY B 68 27.52 -28.36 -22.26
CA GLY B 68 28.13 -29.24 -21.29
C GLY B 68 27.19 -29.79 -20.23
N THR B 69 25.93 -29.38 -20.23
CA THR B 69 24.95 -29.89 -19.28
C THR B 69 23.75 -30.46 -20.03
N ARG B 70 22.84 -31.08 -19.28
CA ARG B 70 21.60 -31.61 -19.84
C ARG B 70 20.41 -30.70 -19.58
N THR B 71 20.66 -29.41 -19.36
CA THR B 71 19.60 -28.42 -19.23
C THR B 71 19.34 -27.78 -20.58
N THR B 72 18.07 -27.68 -20.97
CA THR B 72 17.65 -26.87 -22.10
C THR B 72 16.94 -25.65 -21.56
N LEU B 73 17.45 -24.46 -21.89
CA LEU B 73 16.97 -23.21 -21.34
C LEU B 73 16.36 -22.34 -22.44
N TYR B 74 15.12 -21.90 -22.21
CA TYR B 74 14.46 -20.92 -23.05
C TYR B 74 14.26 -19.63 -22.26
N LEU B 75 14.32 -18.51 -22.97
CA LEU B 75 14.08 -17.20 -22.38
C LEU B 75 12.83 -16.60 -23.03
N LYS B 76 11.83 -16.31 -22.21
CA LYS B 76 10.67 -15.56 -22.67
C LYS B 76 11.06 -14.09 -22.79
N ARG B 77 11.00 -13.55 -24.01
CA ARG B 77 11.69 -12.30 -24.35
C ARG B 77 10.80 -11.08 -24.13
N GLU B 78 10.43 -10.86 -22.86
CA GLU B 78 9.74 -9.62 -22.52
C GLU B 78 10.66 -8.41 -22.62
N ASP B 79 11.97 -8.62 -22.77
CA ASP B 79 12.88 -7.52 -23.01
C ASP B 79 12.66 -6.88 -24.38
N LEU B 80 12.02 -7.59 -25.31
CA LEU B 80 11.73 -7.05 -26.63
C LEU B 80 10.40 -6.29 -26.66
N LEU B 81 9.64 -6.32 -25.58
CA LEU B 81 8.38 -5.58 -25.52
C LEU B 81 8.67 -4.08 -25.55
N HIS B 82 7.74 -3.33 -26.15
CA HIS B 82 7.86 -1.89 -26.20
C HIS B 82 8.02 -1.33 -24.79
N GLY B 83 9.03 -0.50 -24.60
CA GLY B 83 9.43 -0.03 -23.29
C GLY B 83 10.54 -0.83 -22.65
N GLY B 84 10.80 -2.04 -23.15
CA GLY B 84 11.89 -2.84 -22.64
C GLY B 84 11.59 -3.62 -21.38
N ALA B 85 10.32 -3.76 -21.01
CA ALA B 85 9.96 -4.53 -19.82
C ALA B 85 8.52 -5.00 -19.94
N HIS B 86 8.21 -6.04 -19.18
CA HIS B 86 6.89 -6.67 -19.18
C HIS B 86 5.77 -5.74 -18.73
N LYS B 87 6.12 -4.68 -18.01
CA LYS B 87 5.13 -3.77 -17.39
C LYS B 87 4.19 -3.18 -18.37
N THR B 88 4.63 -3.07 -19.62
CA THR B 88 3.82 -2.46 -20.68
C THR B 88 2.52 -3.21 -20.92
N ASN B 89 2.52 -4.52 -20.68
CA ASN B 89 1.33 -5.34 -20.89
C ASN B 89 0.16 -4.82 -20.06
N GLN B 90 0.34 -4.74 -18.74
CA GLN B 90 -0.78 -4.46 -17.85
C GLN B 90 -1.15 -2.98 -17.82
N VAL B 91 -0.20 -2.08 -18.09
CA VAL B 91 -0.52 -0.66 -18.10
C VAL B 91 -1.43 -0.32 -19.27
N LEU B 92 -1.28 -1.04 -20.39
CA LEU B 92 -2.21 -0.86 -21.49
C LEU B 92 -3.60 -1.33 -21.13
N GLY B 93 -3.69 -2.45 -20.40
CA GLY B 93 -4.99 -2.92 -19.95
C GLY B 93 -5.63 -1.98 -18.93
N GLN B 94 -4.84 -1.54 -17.94
CA GLN B 94 -5.38 -0.66 -16.92
C GLN B 94 -5.82 0.67 -17.50
N ALA B 95 -5.06 1.19 -18.47
CA ALA B 95 -5.45 2.45 -19.11
C ALA B 95 -6.77 2.31 -19.85
N LEU B 96 -7.00 1.15 -20.48
CA LEU B 96 -8.29 0.90 -21.10
C LEU B 96 -9.39 0.77 -20.06
N LEU B 97 -9.09 0.16 -18.91
CA LEU B 97 -10.06 0.10 -17.83
C LEU B 97 -10.42 1.49 -17.34
N ALA B 98 -9.43 2.38 -17.21
CA ALA B 98 -9.70 3.74 -16.78
C ALA B 98 -10.61 4.46 -17.76
N LYS B 99 -10.38 4.26 -19.06
CA LYS B 99 -11.27 4.85 -20.06
C LYS B 99 -12.64 4.19 -20.04
N ARG B 100 -12.71 2.89 -19.73
CA ARG B 100 -13.99 2.21 -19.60
C ARG B 100 -14.82 2.83 -18.48
N MET B 101 -14.17 3.20 -17.38
CA MET B 101 -14.85 3.83 -16.26
C MET B 101 -15.07 5.32 -16.47
N GLY B 102 -14.65 5.87 -17.61
CA GLY B 102 -14.82 7.29 -17.84
C GLY B 102 -13.80 8.16 -17.16
N LYS B 103 -12.70 7.59 -16.66
CA LYS B 103 -11.64 8.36 -16.05
C LYS B 103 -10.74 8.97 -17.11
N SER B 104 -10.23 10.17 -16.82
CA SER B 104 -9.31 10.85 -17.72
C SER B 104 -7.93 11.09 -17.12
N GLU B 105 -7.73 10.79 -15.85
CA GLU B 105 -6.45 11.01 -15.19
C GLU B 105 -5.91 9.69 -14.65
N ILE B 106 -4.59 9.61 -14.56
CA ILE B 106 -3.88 8.40 -14.15
C ILE B 106 -2.96 8.75 -12.99
N ILE B 107 -3.03 7.96 -11.92
CA ILE B 107 -2.10 8.04 -10.79
C ILE B 107 -1.22 6.80 -10.82
N ALA B 108 0.08 6.98 -10.63
CA ALA B 108 1.00 5.86 -10.61
C ALA B 108 2.10 6.12 -9.60
N GLU B 109 2.55 5.04 -8.96
CA GLU B 109 3.74 5.06 -8.12
C GLU B 109 4.87 4.36 -8.87
N THR B 110 6.10 4.74 -8.55
CA THR B 110 7.24 4.09 -9.17
C THR B 110 8.45 4.27 -8.28
N GLY B 111 9.36 3.29 -8.33
CA GLY B 111 10.60 3.36 -7.58
C GLY B 111 11.81 3.32 -8.50
N ALA B 112 11.99 2.22 -9.22
CA ALA B 112 13.04 2.15 -10.22
C ALA B 112 12.78 3.10 -11.39
N GLY B 113 11.52 3.44 -11.64
CA GLY B 113 11.15 4.29 -12.74
C GLY B 113 10.53 3.58 -13.92
N GLN B 114 10.59 2.26 -13.96
CA GLN B 114 10.08 1.53 -15.13
C GLN B 114 8.56 1.59 -15.21
N HIS B 115 7.87 1.42 -14.07
CA HIS B 115 6.41 1.55 -14.12
C HIS B 115 5.99 2.97 -14.41
N GLY B 116 6.75 3.96 -13.91
CA GLY B 116 6.46 5.34 -14.27
C GLY B 116 6.57 5.57 -15.76
N VAL B 117 7.62 5.02 -16.39
CA VAL B 117 7.75 5.13 -17.84
C VAL B 117 6.61 4.38 -18.52
N ALA B 118 6.28 3.19 -18.02
CA ALA B 118 5.21 2.41 -18.63
C ALA B 118 3.85 3.11 -18.49
N SER B 119 3.59 3.71 -17.33
CA SER B 119 2.35 4.44 -17.15
C SER B 119 2.31 5.69 -18.03
N ALA B 120 3.45 6.34 -18.19
CA ALA B 120 3.50 7.57 -18.98
C ALA B 120 3.25 7.32 -20.45
N LEU B 121 3.80 6.23 -21.00
CA LEU B 121 3.64 5.97 -22.43
C LEU B 121 2.22 5.49 -22.72
N ALA B 122 1.63 4.70 -21.82
CA ALA B 122 0.23 4.30 -22.01
C ALA B 122 -0.70 5.49 -21.95
N SER B 123 -0.44 6.43 -21.03
CA SER B 123 -1.29 7.60 -20.90
C SER B 123 -1.14 8.53 -22.09
N ALA B 124 0.09 8.73 -22.57
CA ALA B 124 0.30 9.56 -23.75
C ALA B 124 -0.41 8.99 -24.96
N LEU B 125 -0.35 7.66 -25.13
CA LEU B 125 -0.97 7.03 -26.28
C LEU B 125 -2.49 7.18 -26.24
N LEU B 126 -3.10 6.95 -25.07
CA LEU B 126 -4.54 6.88 -24.95
C LEU B 126 -5.17 8.17 -24.46
N GLY B 127 -4.43 9.28 -24.47
CA GLY B 127 -4.99 10.57 -24.12
C GLY B 127 -5.35 10.74 -22.67
N LEU B 128 -4.49 10.27 -21.77
CA LEU B 128 -4.73 10.34 -20.34
C LEU B 128 -3.71 11.26 -19.69
N LYS B 129 -4.16 12.04 -18.71
CA LYS B 129 -3.27 12.88 -17.93
C LYS B 129 -2.64 12.04 -16.82
N CYS B 130 -1.32 11.95 -16.82
CA CYS B 130 -0.59 11.04 -15.95
C CYS B 130 0.23 11.83 -14.94
N ARG B 131 0.01 11.56 -13.66
CA ARG B 131 0.85 12.07 -12.59
C ARG B 131 1.46 10.89 -11.84
N ILE B 132 2.76 10.96 -11.58
CA ILE B 132 3.53 9.85 -11.05
C ILE B 132 4.19 10.28 -9.75
N TYR B 133 3.97 9.51 -8.69
CA TYR B 133 4.60 9.74 -7.40
C TYR B 133 5.86 8.87 -7.29
N MET B 134 6.93 9.47 -6.82
CA MET B 134 8.23 8.79 -6.79
C MET B 134 9.02 9.33 -5.61
N GLY B 135 9.57 8.43 -4.81
CA GLY B 135 10.35 8.86 -3.66
C GLY B 135 11.51 9.74 -4.07
N ALA B 136 11.73 10.81 -3.31
CA ALA B 136 12.78 11.78 -3.66
C ALA B 136 14.14 11.13 -3.77
N LYS B 137 14.41 10.12 -2.96
CA LYS B 137 15.66 9.35 -3.12
C LYS B 137 15.70 8.65 -4.47
N ASP B 138 14.57 8.12 -4.91
CA ASP B 138 14.52 7.44 -6.21
C ASP B 138 14.56 8.43 -7.37
N VAL B 139 13.99 9.63 -7.19
CA VAL B 139 14.10 10.66 -8.23
C VAL B 139 15.56 10.99 -8.49
N GLU B 140 16.38 11.03 -7.44
CA GLU B 140 17.80 11.32 -7.61
C GLU B 140 18.54 10.13 -8.21
N ARG B 141 18.16 8.91 -7.81
CA ARG B 141 18.84 7.73 -8.35
C ARG B 141 18.48 7.46 -9.80
N GLN B 142 17.29 7.91 -10.24
CA GLN B 142 16.80 7.51 -11.55
C GLN B 142 16.54 8.72 -12.45
N SER B 143 17.54 9.58 -12.58
CA SER B 143 17.40 10.75 -13.46
CA SER B 143 17.40 10.75 -13.46
C SER B 143 17.03 10.37 -14.90
N PRO B 144 17.58 9.30 -15.51
CA PRO B 144 17.16 8.99 -16.89
C PRO B 144 15.68 8.64 -17.01
N ASN B 145 15.16 7.80 -16.11
CA ASN B 145 13.75 7.42 -16.22
C ASN B 145 12.82 8.59 -15.94
N VAL B 146 13.20 9.49 -15.03
CA VAL B 146 12.40 10.69 -14.77
C VAL B 146 12.29 11.53 -16.05
N PHE B 147 13.38 11.63 -16.80
CA PHE B 147 13.35 12.40 -18.04
C PHE B 147 12.47 11.73 -19.09
N ARG B 148 12.50 10.39 -19.14
CA ARG B 148 11.64 9.67 -20.06
C ARG B 148 10.17 9.94 -19.76
N MET B 149 9.79 9.89 -18.48
CA MET B 149 8.41 10.16 -18.09
C MET B 149 8.00 11.56 -18.54
N ARG B 150 8.86 12.55 -18.29
CA ARG B 150 8.51 13.92 -18.65
C ARG B 150 8.55 14.14 -20.16
N LEU B 151 9.42 13.41 -20.88
CA LEU B 151 9.40 13.47 -22.33
C LEU B 151 8.04 13.06 -22.88
N MET B 152 7.39 12.10 -22.22
CA MET B 152 6.08 11.61 -22.66
C MET B 152 4.93 12.32 -21.96
N GLY B 153 5.19 13.47 -21.34
CA GLY B 153 4.15 14.36 -20.86
C GLY B 153 3.65 14.10 -19.46
N ALA B 154 4.23 13.15 -18.73
CA ALA B 154 3.77 12.83 -17.40
C ALA B 154 4.32 13.82 -16.38
N GLU B 155 3.56 14.00 -15.30
CA GLU B 155 3.98 14.84 -14.17
C GLU B 155 4.61 13.94 -13.11
N VAL B 156 5.86 14.21 -12.78
CA VAL B 156 6.59 13.42 -11.79
C VAL B 156 6.67 14.23 -10.51
N ILE B 157 6.12 13.68 -9.42
CA ILE B 157 5.99 14.38 -8.15
C ILE B 157 6.89 13.70 -7.14
N PRO B 158 7.96 14.34 -6.69
CA PRO B 158 8.83 13.71 -5.68
C PRO B 158 8.14 13.62 -4.33
N VAL B 159 8.40 12.52 -3.62
CA VAL B 159 7.81 12.25 -2.31
C VAL B 159 8.93 12.29 -1.29
N HIS B 160 8.87 13.27 -0.38
CA HIS B 160 9.87 13.46 0.65
C HIS B 160 9.45 12.90 2.01
N SER B 161 8.24 12.35 2.12
CA SER B 161 7.78 11.85 3.40
C SER B 161 8.34 10.46 3.69
N GLY B 162 8.39 10.12 4.97
CA GLY B 162 8.86 8.81 5.37
C GLY B 162 10.31 8.59 5.00
N SER B 163 10.58 7.48 4.34
CA SER B 163 11.92 7.15 3.86
C SER B 163 12.16 7.65 2.44
N ALA B 164 11.18 8.35 1.85
CA ALA B 164 11.33 8.97 0.53
C ALA B 164 11.72 7.95 -0.55
N THR B 165 11.03 6.81 -0.54
CA THR B 165 11.27 5.79 -1.55
C THR B 165 9.96 5.15 -1.98
N LEU B 166 10.00 3.90 -2.44
CA LEU B 166 8.84 3.32 -3.12
C LEU B 166 7.62 3.22 -2.21
N LYS B 167 7.80 2.71 -0.99
CA LYS B 167 6.65 2.56 -0.10
C LYS B 167 6.05 3.90 0.27
N ASP B 168 6.87 4.96 0.27
CA ASP B 168 6.36 6.29 0.55
C ASP B 168 5.65 6.88 -0.65
N ALA B 169 6.11 6.55 -1.87
CA ALA B 169 5.36 6.91 -3.07
C ALA B 169 4.05 6.12 -3.14
N CYS B 170 4.05 4.88 -2.65
CA CYS B 170 2.81 4.12 -2.58
C CYS B 170 1.79 4.78 -1.67
N ASN B 171 2.24 5.29 -0.52
CA ASN B 171 1.34 6.01 0.39
C ASN B 171 0.73 7.22 -0.32
N GLU B 172 1.57 8.02 -0.98
CA GLU B 172 1.10 9.27 -1.56
C GLU B 172 0.12 9.05 -2.70
N ALA B 173 0.32 7.97 -3.47
CA ALA B 173 -0.65 7.64 -4.52
C ALA B 173 -2.02 7.31 -3.92
N LEU B 174 -2.03 6.55 -2.82
CA LEU B 174 -3.28 6.23 -2.14
C LEU B 174 -3.89 7.46 -1.48
N ARG B 175 -3.05 8.37 -0.95
CA ARG B 175 -3.57 9.62 -0.42
C ARG B 175 -4.26 10.43 -1.51
N ASP B 176 -3.60 10.57 -2.65
CA ASP B 176 -4.18 11.26 -3.80
C ASP B 176 -5.48 10.60 -4.24
N TRP B 177 -5.44 9.28 -4.45
CA TRP B 177 -6.61 8.57 -4.96
C TRP B 177 -7.81 8.72 -4.05
N SER B 178 -7.59 8.78 -2.74
CA SER B 178 -8.69 8.91 -1.79
C SER B 178 -9.45 10.22 -1.92
N GLY B 179 -8.89 11.20 -2.64
CA GLY B 179 -9.58 12.46 -2.84
C GLY B 179 -9.83 12.78 -4.31
N SER B 180 -9.64 11.81 -5.19
CA SER B 180 -9.77 12.09 -6.62
C SER B 180 -10.31 10.91 -7.43
N TYR B 181 -10.73 9.82 -6.78
CA TYR B 181 -11.05 8.61 -7.54
C TYR B 181 -12.27 8.75 -8.45
N GLU B 182 -13.05 9.83 -8.33
CA GLU B 182 -14.17 10.02 -9.24
C GLU B 182 -13.70 10.34 -10.65
N THR B 183 -12.52 10.94 -10.79
CA THR B 183 -11.99 11.32 -12.09
C THR B 183 -10.64 10.68 -12.42
N ALA B 184 -9.91 10.17 -11.44
CA ALA B 184 -8.59 9.60 -11.66
C ALA B 184 -8.59 8.12 -11.27
N HIS B 185 -7.88 7.32 -12.05
CA HIS B 185 -7.68 5.91 -11.76
C HIS B 185 -6.26 5.68 -11.26
N TYR B 186 -6.12 4.82 -10.25
CA TYR B 186 -4.81 4.48 -9.71
C TYR B 186 -4.24 3.28 -10.47
N MET B 187 -3.24 3.54 -11.32
CA MET B 187 -2.60 2.50 -12.11
C MET B 187 -1.47 1.88 -11.26
N LEU B 188 -1.87 0.98 -10.37
CA LEU B 188 -0.91 0.29 -9.51
C LEU B 188 0.05 -0.53 -10.36
N GLY B 189 1.30 -0.62 -9.92
CA GLY B 189 2.40 -1.10 -10.74
C GLY B 189 2.83 -2.54 -10.55
N THR B 190 2.10 -3.35 -9.79
CA THR B 190 2.47 -4.75 -9.61
C THR B 190 1.23 -5.53 -9.20
N ALA B 191 1.39 -6.85 -9.08
CA ALA B 191 0.31 -7.73 -8.67
C ALA B 191 0.22 -7.76 -7.13
N ALA B 192 0.11 -6.59 -6.53
CA ALA B 192 0.00 -6.45 -5.08
C ALA B 192 -0.92 -5.28 -4.76
N GLY B 193 -1.11 -5.02 -3.48
CA GLY B 193 -2.03 -4.01 -3.05
C GLY B 193 -3.40 -4.58 -2.74
N PRO B 194 -4.41 -3.73 -2.65
CA PRO B 194 -5.76 -4.22 -2.34
C PRO B 194 -6.44 -4.83 -3.55
N HIS B 195 -7.30 -5.80 -3.27
CA HIS B 195 -8.18 -6.34 -4.30
C HIS B 195 -8.96 -5.20 -4.95
N PRO B 196 -9.15 -5.22 -6.27
CA PRO B 196 -8.82 -6.30 -7.21
C PRO B 196 -7.49 -6.19 -7.95
N TYR B 197 -6.53 -5.41 -7.44
CA TYR B 197 -5.30 -5.18 -8.20
C TYR B 197 -4.47 -6.44 -8.39
N PRO B 198 -4.26 -7.32 -7.39
CA PRO B 198 -3.52 -8.56 -7.68
C PRO B 198 -4.16 -9.40 -8.77
N THR B 199 -5.49 -9.46 -8.80
CA THR B 199 -6.18 -10.23 -9.83
C THR B 199 -6.08 -9.55 -11.19
N ILE B 200 -6.26 -8.23 -11.23
CA ILE B 200 -6.27 -7.50 -12.49
C ILE B 200 -4.92 -7.56 -13.17
N VAL B 201 -3.85 -7.28 -12.41
CA VAL B 201 -2.51 -7.26 -13.00
C VAL B 201 -2.11 -8.64 -13.48
N ARG B 202 -2.53 -9.69 -12.75
CA ARG B 202 -2.26 -11.06 -13.20
C ARG B 202 -2.92 -11.34 -14.54
N GLU B 203 -4.22 -11.03 -14.65
CA GLU B 203 -4.95 -11.31 -15.89
C GLU B 203 -4.43 -10.45 -17.04
N PHE B 204 -3.89 -9.27 -16.74
CA PHE B 204 -3.31 -8.40 -17.76
C PHE B 204 -1.86 -8.74 -18.06
N GLN B 205 -1.29 -9.73 -17.37
CA GLN B 205 0.05 -10.21 -17.65
C GLN B 205 0.09 -11.69 -18.01
N ARG B 206 -1.05 -12.39 -17.95
CA ARG B 206 -1.04 -13.84 -18.12
C ARG B 206 -0.76 -14.26 -19.56
N MET B 207 -0.74 -13.32 -20.51
CA MET B 207 -0.34 -13.69 -21.87
C MET B 207 1.11 -14.12 -21.94
N ILE B 208 1.93 -13.73 -20.95
CA ILE B 208 3.31 -14.20 -20.90
C ILE B 208 3.35 -15.72 -20.81
N GLY B 209 2.63 -16.30 -19.85
CA GLY B 209 2.60 -17.74 -19.71
C GLY B 209 1.83 -18.42 -20.82
N GLU B 210 0.72 -17.80 -21.25
CA GLU B 210 -0.07 -18.38 -22.33
C GLU B 210 0.73 -18.50 -23.62
N GLU B 211 1.51 -17.47 -23.95
CA GLU B 211 2.38 -17.57 -25.11
C GLU B 211 3.49 -18.58 -24.89
N THR B 212 4.10 -18.57 -23.69
CA THR B 212 5.17 -19.51 -23.39
C THR B 212 4.71 -20.95 -23.56
N LYS B 213 3.49 -21.26 -23.09
CA LYS B 213 2.98 -22.63 -23.21
C LYS B 213 2.85 -23.04 -24.68
N ALA B 214 2.18 -22.21 -25.49
CA ALA B 214 2.00 -22.55 -26.89
C ALA B 214 3.34 -22.61 -27.62
N GLN B 215 4.28 -21.76 -27.24
CA GLN B 215 5.58 -21.74 -27.91
C GLN B 215 6.43 -22.94 -27.51
N ILE B 216 6.43 -23.30 -26.23
CA ILE B 216 7.22 -24.45 -25.79
C ILE B 216 6.63 -25.75 -26.32
N LEU B 217 5.31 -25.82 -26.47
CA LEU B 217 4.69 -27.01 -27.04
C LEU B 217 5.04 -27.15 -28.51
N ASP B 218 5.15 -26.02 -29.22
CA ASP B 218 5.47 -26.07 -30.65
C ASP B 218 6.93 -26.45 -30.87
N LYS B 219 7.83 -25.97 -30.01
CA LYS B 219 9.26 -26.17 -30.20
CA LYS B 219 9.27 -26.16 -30.19
C LYS B 219 9.78 -27.43 -29.53
N GLU B 220 9.23 -27.81 -28.38
CA GLU B 220 9.70 -29.00 -27.67
C GLU B 220 8.68 -30.13 -27.59
N GLY B 221 7.41 -29.86 -27.87
CA GLY B 221 6.40 -30.89 -27.82
C GLY B 221 5.93 -31.27 -26.44
N ARG B 222 6.34 -30.52 -25.40
CA ARG B 222 5.90 -30.82 -24.04
C ARG B 222 6.02 -29.56 -23.20
N LEU B 223 5.42 -29.62 -22.02
CA LEU B 223 5.47 -28.50 -21.09
C LEU B 223 6.85 -28.41 -20.44
N PRO B 224 7.21 -27.25 -19.90
CA PRO B 224 8.50 -27.13 -19.21
C PRO B 224 8.48 -27.88 -17.89
N ASP B 225 9.68 -28.30 -17.46
CA ASP B 225 9.81 -28.86 -16.12
C ASP B 225 9.66 -27.79 -15.04
N ALA B 226 10.00 -26.54 -15.37
CA ALA B 226 9.86 -25.44 -14.43
C ALA B 226 9.96 -24.12 -15.19
N VAL B 227 9.22 -23.12 -14.71
CA VAL B 227 9.36 -21.74 -15.17
C VAL B 227 9.88 -20.91 -14.01
N ILE B 228 10.78 -19.97 -14.31
CA ILE B 228 11.53 -19.24 -13.30
C ILE B 228 11.39 -17.75 -13.58
N ALA B 229 11.06 -16.98 -12.55
CA ALA B 229 10.86 -15.55 -12.72
C ALA B 229 11.26 -14.83 -11.43
N CYS B 230 11.79 -13.63 -11.59
CA CYS B 230 12.10 -12.80 -10.44
C CYS B 230 10.82 -12.23 -9.84
N VAL B 231 10.85 -11.98 -8.54
CA VAL B 231 9.69 -11.48 -7.80
C VAL B 231 10.10 -10.24 -7.03
N GLY B 232 9.67 -9.08 -7.50
CA GLY B 232 9.81 -7.85 -6.75
C GLY B 232 8.50 -7.46 -6.11
N GLY B 233 7.47 -7.33 -6.93
CA GLY B 233 6.11 -7.20 -6.45
C GLY B 233 5.30 -8.43 -6.80
N GLY B 234 5.69 -9.10 -7.88
CA GLY B 234 5.07 -10.36 -8.28
C GLY B 234 4.38 -10.35 -9.64
N SER B 235 4.42 -9.27 -10.43
CA SER B 235 3.58 -9.22 -11.62
C SER B 235 4.14 -10.05 -12.78
N ASN B 236 5.44 -9.94 -13.06
CA ASN B 236 5.99 -10.73 -14.15
C ASN B 236 6.00 -12.21 -13.81
N ALA B 237 6.18 -12.55 -12.53
CA ALA B 237 6.17 -13.95 -12.12
C ALA B 237 4.78 -14.56 -12.26
N ILE B 238 3.76 -13.89 -11.69
CA ILE B 238 2.41 -14.44 -11.78
C ILE B 238 1.93 -14.44 -13.23
N GLY B 239 2.41 -13.49 -14.05
CA GLY B 239 2.06 -13.51 -15.46
C GLY B 239 2.60 -14.72 -16.18
N MET B 240 3.81 -15.15 -15.80
CA MET B 240 4.36 -16.39 -16.34
C MET B 240 3.71 -17.60 -15.71
N PHE B 241 3.46 -17.55 -14.39
CA PHE B 241 2.95 -18.72 -13.67
C PHE B 241 1.51 -19.05 -14.05
N ALA B 242 0.69 -18.03 -14.30
CA ALA B 242 -0.77 -18.17 -14.22
C ALA B 242 -1.28 -19.33 -15.08
N ASP B 243 -0.87 -19.38 -16.34
CA ASP B 243 -1.42 -20.40 -17.24
C ASP B 243 -0.88 -21.80 -16.94
N PHE B 244 0.14 -21.93 -16.12
CA PHE B 244 0.70 -23.23 -15.76
C PHE B 244 0.24 -23.73 -14.40
N ILE B 245 -0.57 -22.96 -13.67
CA ILE B 245 -0.89 -23.31 -12.29
C ILE B 245 -1.62 -24.64 -12.22
N ASN B 246 -2.55 -24.88 -13.14
CA ASN B 246 -3.27 -26.15 -13.18
C ASN B 246 -2.49 -27.27 -13.84
N ASP B 247 -1.31 -26.99 -14.39
CA ASP B 247 -0.41 -28.02 -14.90
C ASP B 247 0.53 -28.40 -13.76
N THR B 248 0.12 -29.39 -12.97
CA THR B 248 0.81 -29.70 -11.72
C THR B 248 2.20 -30.29 -11.93
N SER B 249 2.54 -30.72 -13.14
CA SER B 249 3.89 -31.20 -13.41
C SER B 249 4.88 -30.08 -13.65
N VAL B 250 4.40 -28.88 -13.98
CA VAL B 250 5.29 -27.74 -14.25
C VAL B 250 5.63 -27.07 -12.94
N GLY B 251 6.93 -26.97 -12.65
CA GLY B 251 7.37 -26.26 -11.47
C GLY B 251 7.26 -24.76 -11.63
N LEU B 252 6.95 -24.09 -10.52
CA LEU B 252 6.87 -22.64 -10.48
C LEU B 252 7.88 -22.14 -9.46
N ILE B 253 8.87 -21.38 -9.93
CA ILE B 253 9.98 -20.94 -9.08
C ILE B 253 10.08 -19.43 -9.16
N GLY B 254 9.85 -18.77 -8.03
CA GLY B 254 10.02 -17.33 -7.93
C GLY B 254 11.31 -16.99 -7.20
N VAL B 255 11.98 -15.96 -7.68
CA VAL B 255 13.29 -15.57 -7.18
C VAL B 255 13.20 -14.18 -6.58
N GLU B 256 13.37 -14.09 -5.24
CA GLU B 256 13.42 -12.80 -4.55
C GLU B 256 14.86 -12.31 -4.47
N PRO B 257 15.07 -10.99 -4.41
CA PRO B 257 16.44 -10.47 -4.30
C PRO B 257 17.04 -10.77 -2.93
N GLY B 258 18.20 -11.40 -2.94
CA GLY B 258 18.94 -11.64 -1.71
C GLY B 258 19.83 -10.50 -1.26
N GLY B 259 19.98 -9.48 -2.10
CA GLY B 259 20.76 -8.31 -1.71
C GLY B 259 22.21 -8.67 -1.44
N HIS B 260 22.72 -8.16 -0.32
CA HIS B 260 24.06 -8.49 0.14
C HIS B 260 24.10 -9.81 0.90
N GLY B 261 22.99 -10.52 0.98
CA GLY B 261 22.90 -11.75 1.75
C GLY B 261 21.78 -11.69 2.77
N ILE B 262 21.01 -12.77 2.89
CA ILE B 262 19.90 -12.79 3.83
C ILE B 262 20.38 -12.50 5.25
N GLU B 263 21.52 -13.10 5.63
CA GLU B 263 22.04 -12.92 6.97
C GLU B 263 22.46 -11.49 7.25
N THR B 264 22.70 -10.69 6.21
CA THR B 264 23.05 -9.29 6.39
C THR B 264 21.86 -8.42 6.73
N GLY B 265 20.63 -8.93 6.56
CA GLY B 265 19.44 -8.12 6.69
C GLY B 265 19.21 -7.15 5.55
N GLU B 266 20.15 -7.00 4.63
CA GLU B 266 20.02 -6.08 3.50
C GLU B 266 19.63 -6.91 2.28
N HIS B 267 18.33 -7.15 2.16
CA HIS B 267 17.79 -7.96 1.07
C HIS B 267 16.38 -7.47 0.74
N GLY B 268 15.72 -8.17 -0.17
CA GLY B 268 14.35 -7.88 -0.52
C GLY B 268 13.54 -9.14 -0.67
N ALA B 269 13.60 -10.03 0.31
CA ALA B 269 12.94 -11.34 0.26
C ALA B 269 11.93 -11.46 1.41
N PRO B 270 10.84 -10.71 1.36
CA PRO B 270 9.85 -10.81 2.45
C PRO B 270 9.05 -12.10 2.43
N LEU B 271 8.88 -12.73 1.28
CA LEU B 271 8.06 -13.94 1.21
C LEU B 271 8.69 -15.07 2.01
N LYS B 272 10.02 -15.21 1.97
CA LYS B 272 10.68 -16.29 2.69
C LYS B 272 11.37 -15.83 3.97
N HIS B 273 11.64 -14.53 4.12
CA HIS B 273 12.38 -14.04 5.27
C HIS B 273 11.73 -12.83 5.94
N GLY B 274 10.53 -12.46 5.54
CA GLY B 274 9.78 -11.41 6.18
C GLY B 274 8.80 -11.96 7.20
N ARG B 275 7.77 -11.17 7.47
CA ARG B 275 6.73 -11.56 8.42
C ARG B 275 5.40 -10.99 7.96
N VAL B 276 4.34 -11.78 8.10
CA VAL B 276 3.03 -11.36 7.61
C VAL B 276 2.58 -10.12 8.36
N GLY B 277 2.14 -9.11 7.62
CA GLY B 277 1.59 -7.91 8.19
C GLY B 277 0.46 -7.35 7.33
N ILE B 278 0.00 -6.14 7.62
CA ILE B 278 -1.06 -5.50 6.85
C ILE B 278 -0.57 -4.11 6.47
N TYR B 279 -0.36 -3.90 5.17
CA TYR B 279 0.08 -2.61 4.65
C TYR B 279 -0.17 -2.60 3.16
N PHE B 280 -0.28 -1.39 2.60
CA PHE B 280 -0.52 -1.17 1.18
C PHE B 280 -1.80 -1.85 0.72
N GLY B 281 -2.79 -1.92 1.61
CA GLY B 281 -4.08 -2.47 1.28
C GLY B 281 -4.17 -3.97 1.24
N MET B 282 -3.17 -4.68 1.76
CA MET B 282 -3.17 -6.13 1.69
C MET B 282 -2.53 -6.73 2.95
N LYS B 283 -2.92 -7.97 3.24
CA LYS B 283 -2.23 -8.80 4.20
C LYS B 283 -1.27 -9.71 3.42
N ALA B 284 0.02 -9.59 3.69
CA ALA B 284 1.03 -10.28 2.91
C ALA B 284 2.33 -10.29 3.70
N PRO B 285 3.26 -11.19 3.36
CA PRO B 285 4.59 -11.13 3.98
C PRO B 285 5.23 -9.78 3.74
N MET B 286 5.92 -9.27 4.77
CA MET B 286 6.49 -7.94 4.70
CA MET B 286 6.48 -7.94 4.72
C MET B 286 7.78 -7.90 5.51
N MET B 287 8.70 -7.06 5.08
CA MET B 287 9.90 -6.76 5.85
C MET B 287 9.55 -5.63 6.81
N GLN B 288 9.60 -5.93 8.11
CA GLN B 288 9.14 -4.99 9.12
C GLN B 288 9.97 -5.14 10.38
N THR B 289 9.97 -4.08 11.19
CA THR B 289 10.64 -4.13 12.48
C THR B 289 9.86 -5.02 13.44
N ALA B 290 10.47 -5.27 14.61
CA ALA B 290 9.80 -6.06 15.62
C ALA B 290 8.54 -5.37 16.15
N ASP B 291 8.47 -4.05 16.06
CA ASP B 291 7.32 -3.28 16.51
C ASP B 291 6.24 -3.15 15.44
N GLY B 292 6.52 -3.51 14.19
CA GLY B 292 5.55 -3.41 13.13
C GLY B 292 5.71 -2.23 12.20
N GLN B 293 6.86 -1.55 12.23
CA GLN B 293 7.14 -0.49 11.27
C GLN B 293 7.68 -1.11 9.98
N ILE B 294 7.18 -0.61 8.84
CA ILE B 294 7.59 -1.16 7.55
C ILE B 294 9.07 -0.91 7.34
N GLU B 295 9.83 -1.98 7.14
CA GLU B 295 11.27 -1.90 6.98
C GLU B 295 11.64 -1.58 5.54
N GLU B 296 12.87 -1.14 5.35
CA GLU B 296 13.39 -0.85 4.02
C GLU B 296 14.12 -2.07 3.46
N SER B 297 13.75 -2.46 2.25
CA SER B 297 14.42 -3.56 1.57
C SER B 297 15.60 -3.03 0.76
N TYR B 298 16.38 -3.96 0.22
CA TYR B 298 17.53 -3.58 -0.59
C TYR B 298 17.77 -4.63 -1.67
N SER B 299 18.22 -4.15 -2.83
CA SER B 299 18.72 -5.00 -3.90
C SER B 299 19.57 -4.13 -4.82
N ILE B 300 20.54 -4.76 -5.47
CA ILE B 300 21.26 -4.06 -6.53
C ILE B 300 20.29 -3.62 -7.62
N SER B 301 19.20 -4.36 -7.78
CA SER B 301 18.18 -4.09 -8.79
C SER B 301 17.06 -3.28 -8.15
N ALA B 302 16.89 -2.04 -8.61
CA ALA B 302 15.86 -1.18 -8.03
C ALA B 302 14.46 -1.72 -8.26
N GLY B 303 14.24 -2.39 -9.40
CA GLY B 303 12.91 -2.92 -9.71
C GLY B 303 12.45 -4.02 -8.78
N LEU B 304 13.36 -4.62 -8.03
CA LEU B 304 13.02 -5.63 -7.04
C LEU B 304 13.07 -5.10 -5.62
N ASP B 305 13.29 -3.80 -5.44
CA ASP B 305 13.46 -3.19 -4.13
C ASP B 305 12.10 -2.77 -3.59
N PHE B 306 11.43 -3.70 -2.91
CA PHE B 306 10.10 -3.46 -2.35
C PHE B 306 9.93 -4.33 -1.12
N PRO B 307 9.52 -3.76 0.03
CA PRO B 307 9.48 -4.53 1.28
C PRO B 307 8.39 -5.59 1.36
N SER B 308 7.53 -5.73 0.35
CA SER B 308 6.47 -6.72 0.42
C SER B 308 6.35 -7.52 -0.87
N VAL B 309 5.24 -8.24 -1.03
CA VAL B 309 5.08 -9.15 -2.15
C VAL B 309 3.58 -9.40 -2.34
N GLY B 310 3.19 -9.73 -3.57
CA GLY B 310 1.80 -9.98 -3.90
C GLY B 310 1.22 -11.16 -3.14
N PRO B 311 -0.07 -11.07 -2.81
CA PRO B 311 -0.67 -12.10 -1.95
C PRO B 311 -0.83 -13.45 -2.62
N GLN B 312 -0.98 -13.51 -3.94
CA GLN B 312 -1.12 -14.81 -4.59
C GLN B 312 0.16 -15.62 -4.52
N HIS B 313 1.32 -14.96 -4.49
CA HIS B 313 2.58 -15.68 -4.33
C HIS B 313 2.72 -16.26 -2.93
N ALA B 314 2.31 -15.50 -1.90
CA ALA B 314 2.31 -16.03 -0.55
C ALA B 314 1.40 -17.24 -0.44
N TYR B 315 0.26 -17.21 -1.15
CA TYR B 315 -0.67 -18.33 -1.12
C TYR B 315 -0.09 -19.53 -1.87
N LEU B 316 0.44 -19.31 -3.07
CA LEU B 316 1.03 -20.41 -3.83
C LEU B 316 2.16 -21.07 -3.05
N ASN B 317 2.96 -20.28 -2.34
CA ASN B 317 3.99 -20.86 -1.49
C ASN B 317 3.37 -21.64 -0.33
N SER B 318 2.32 -21.08 0.28
CA SER B 318 1.72 -21.70 1.47
C SER B 318 1.24 -23.12 1.17
N ILE B 319 0.61 -23.32 0.01
CA ILE B 319 0.10 -24.64 -0.36
C ILE B 319 1.14 -25.49 -1.09
N GLY B 320 2.34 -24.95 -1.31
CA GLY B 320 3.39 -25.70 -1.98
C GLY B 320 3.24 -25.82 -3.48
N ARG B 321 2.39 -25.01 -4.11
CA ARG B 321 2.27 -25.05 -5.55
C ARG B 321 3.45 -24.37 -6.24
N ALA B 322 4.04 -23.36 -5.60
CA ALA B 322 5.22 -22.68 -6.11
C ALA B 322 6.28 -22.61 -5.02
N ASP B 323 7.54 -22.65 -5.44
CA ASP B 323 8.67 -22.54 -4.55
C ASP B 323 9.37 -21.20 -4.78
N TYR B 324 9.87 -20.61 -3.70
CA TYR B 324 10.49 -19.29 -3.77
C TYR B 324 11.88 -19.34 -3.15
N VAL B 325 12.85 -18.81 -3.88
CA VAL B 325 14.25 -18.78 -3.47
C VAL B 325 14.75 -17.35 -3.58
N SER B 326 16.02 -17.14 -3.22
CA SER B 326 16.63 -15.82 -3.28
C SER B 326 17.97 -15.91 -4.01
N ILE B 327 18.35 -14.79 -4.61
CA ILE B 327 19.58 -14.65 -5.38
C ILE B 327 20.26 -13.35 -4.98
N THR B 328 21.53 -13.43 -4.60
CA THR B 328 22.25 -12.26 -4.11
C THR B 328 22.63 -11.33 -5.27
N ASP B 329 23.17 -10.17 -4.90
CA ASP B 329 23.65 -9.22 -5.90
C ASP B 329 24.72 -9.85 -6.78
N ASP B 330 25.72 -10.48 -6.16
CA ASP B 330 26.83 -11.05 -6.92
C ASP B 330 26.37 -12.16 -7.85
N GLU B 331 25.41 -12.98 -7.39
CA GLU B 331 24.87 -14.01 -8.26
C GLU B 331 24.15 -13.42 -9.46
N ALA B 332 23.36 -12.37 -9.23
CA ALA B 332 22.68 -11.70 -10.34
C ALA B 332 23.68 -11.02 -11.27
N LEU B 333 24.73 -10.42 -10.72
CA LEU B 333 25.76 -9.81 -11.54
C LEU B 333 26.45 -10.83 -12.43
N GLU B 334 26.74 -12.02 -11.89
CA GLU B 334 27.38 -13.06 -12.69
C GLU B 334 26.46 -13.51 -13.81
N ALA B 335 25.18 -13.69 -13.53
CA ALA B 335 24.23 -14.06 -14.57
C ALA B 335 24.10 -12.96 -15.62
N PHE B 336 24.20 -11.70 -15.19
CA PHE B 336 24.16 -10.58 -16.13
C PHE B 336 25.32 -10.67 -17.12
N LYS B 337 26.54 -10.81 -16.61
CA LYS B 337 27.71 -10.87 -17.49
C LYS B 337 27.69 -12.12 -18.37
N THR B 338 27.18 -13.24 -17.84
CA THR B 338 27.21 -14.49 -18.58
C THR B 338 26.28 -14.44 -19.79
N LEU B 339 25.10 -13.84 -19.65
CA LEU B 339 24.16 -13.78 -20.77
C LEU B 339 24.67 -12.83 -21.85
N CYS B 340 25.32 -11.73 -21.45
CA CYS B 340 25.91 -10.82 -22.43
C CYS B 340 26.95 -11.55 -23.27
N ARG B 341 27.83 -12.30 -22.62
CA ARG B 341 29.00 -12.89 -23.29
C ARG B 341 28.62 -14.07 -24.17
N HIS B 342 27.64 -14.87 -23.75
CA HIS B 342 27.36 -16.13 -24.43
C HIS B 342 26.10 -16.12 -25.29
N GLU B 343 25.21 -15.15 -25.12
CA GLU B 343 24.02 -15.05 -25.95
C GLU B 343 23.82 -13.70 -26.60
N GLY B 344 24.63 -12.70 -26.28
CA GLY B 344 24.45 -11.38 -26.87
C GLY B 344 23.19 -10.67 -26.45
N ILE B 345 22.67 -10.98 -25.26
CA ILE B 345 21.47 -10.36 -24.72
C ILE B 345 21.83 -9.74 -23.38
N ILE B 346 21.61 -8.43 -23.27
CA ILE B 346 21.86 -7.70 -22.02
C ILE B 346 20.58 -7.77 -21.19
N PRO B 347 20.53 -8.57 -20.13
CA PRO B 347 19.30 -8.69 -19.35
C PRO B 347 19.21 -7.63 -18.27
N ALA B 348 17.96 -7.29 -17.92
CA ALA B 348 17.73 -6.44 -16.77
C ALA B 348 18.29 -7.10 -15.52
N LEU B 349 18.84 -6.30 -14.61
CA LEU B 349 19.33 -6.85 -13.35
C LEU B 349 18.20 -7.52 -12.57
N GLU B 350 16.95 -7.06 -12.74
CA GLU B 350 15.80 -7.80 -12.23
C GLU B 350 15.80 -9.22 -12.76
N SER B 351 15.72 -9.35 -14.10
CA SER B 351 15.63 -10.66 -14.72
C SER B 351 16.91 -11.48 -14.49
N SER B 352 18.03 -10.81 -14.24
CA SER B 352 19.27 -11.52 -13.95
C SER B 352 19.15 -12.40 -12.71
N HIS B 353 18.29 -12.02 -11.77
CA HIS B 353 18.06 -12.86 -10.59
C HIS B 353 17.43 -14.18 -10.97
N ALA B 354 16.42 -14.15 -11.84
CA ALA B 354 15.80 -15.39 -12.30
C ALA B 354 16.76 -16.24 -13.11
N LEU B 355 17.55 -15.60 -13.99
CA LEU B 355 18.54 -16.36 -14.75
C LEU B 355 19.60 -16.97 -13.86
N ALA B 356 20.01 -16.24 -12.81
CA ALA B 356 21.04 -16.75 -11.92
C ALA B 356 20.61 -18.04 -11.23
N HIS B 357 19.33 -18.14 -10.84
CA HIS B 357 18.88 -19.37 -10.22
C HIS B 357 18.81 -20.50 -11.24
N ALA B 358 18.39 -20.20 -12.47
CA ALA B 358 18.40 -21.20 -13.52
C ALA B 358 19.81 -21.72 -13.78
N LEU B 359 20.79 -20.81 -13.81
CA LEU B 359 22.18 -21.25 -13.95
C LEU B 359 22.61 -22.08 -12.76
N LYS B 360 22.09 -21.79 -11.57
CA LYS B 360 22.40 -22.59 -10.39
C LYS B 360 21.79 -23.97 -10.49
N MET B 361 20.53 -24.06 -10.93
CA MET B 361 19.91 -25.37 -11.12
C MET B 361 20.69 -26.22 -12.12
N MET B 362 21.19 -25.57 -13.17
CA MET B 362 21.95 -26.30 -14.20
C MET B 362 23.32 -26.71 -13.68
N ARG B 363 24.04 -25.78 -13.05
CA ARG B 363 25.43 -26.05 -12.66
C ARG B 363 25.51 -27.04 -11.51
N GLU B 364 24.59 -26.94 -10.54
CA GLU B 364 24.65 -27.82 -9.38
C GLU B 364 24.37 -29.27 -9.76
N GLN B 365 23.50 -29.49 -10.75
CA GLN B 365 23.15 -30.83 -11.20
C GLN B 365 23.26 -30.88 -12.72
N PRO B 366 24.49 -30.89 -13.25
CA PRO B 366 24.67 -30.74 -14.71
C PRO B 366 24.17 -31.92 -15.53
N GLU B 367 24.05 -33.11 -14.93
CA GLU B 367 23.56 -34.28 -15.65
C GLU B 367 22.07 -34.49 -15.48
N LYS B 368 21.38 -33.58 -14.81
CA LYS B 368 19.93 -33.66 -14.69
C LYS B 368 19.29 -33.13 -15.97
N GLU B 369 18.46 -33.96 -16.60
CA GLU B 369 17.74 -33.55 -17.80
C GLU B 369 16.54 -32.69 -17.39
N GLN B 370 16.56 -31.42 -17.77
CA GLN B 370 15.50 -30.50 -17.37
C GLN B 370 15.28 -29.44 -18.43
N LEU B 371 14.01 -29.16 -18.71
CA LEU B 371 13.61 -28.13 -19.67
C LEU B 371 13.12 -26.93 -18.86
N LEU B 372 13.88 -25.83 -18.92
CA LEU B 372 13.62 -24.66 -18.09
C LEU B 372 13.27 -23.46 -18.96
N VAL B 373 12.32 -22.65 -18.49
CA VAL B 373 11.98 -21.39 -19.12
C VAL B 373 12.19 -20.30 -18.08
N VAL B 374 13.04 -19.33 -18.41
CA VAL B 374 13.25 -18.14 -17.59
C VAL B 374 12.49 -17.00 -18.24
N ASN B 375 11.73 -16.26 -17.44
CA ASN B 375 11.03 -15.07 -17.93
C ASN B 375 12.02 -13.91 -17.93
N LEU B 376 12.50 -13.53 -19.12
CA LEU B 376 13.41 -12.40 -19.24
C LEU B 376 12.56 -11.13 -19.24
N SER B 377 12.25 -10.66 -18.04
CA SER B 377 11.22 -9.64 -17.86
C SER B 377 11.61 -8.29 -18.46
N GLY B 378 12.88 -8.06 -18.75
CA GLY B 378 13.27 -6.79 -19.34
C GLY B 378 14.72 -6.80 -19.79
N ARG B 379 15.06 -5.77 -20.56
CA ARG B 379 16.41 -5.59 -21.07
C ARG B 379 17.26 -4.79 -20.08
N GLY B 380 18.57 -4.93 -20.21
CA GLY B 380 19.49 -4.39 -19.24
C GLY B 380 20.30 -3.19 -19.66
N ASP B 381 19.97 -2.55 -20.79
CA ASP B 381 20.67 -1.34 -21.20
C ASP B 381 20.60 -0.27 -20.11
N LYS B 382 19.49 -0.22 -19.36
CA LYS B 382 19.33 0.73 -18.28
C LYS B 382 20.26 0.46 -17.10
N ASP B 383 20.84 -0.74 -17.04
CA ASP B 383 21.64 -1.15 -15.89
C ASP B 383 23.14 -1.09 -16.14
N ILE B 384 23.59 -0.68 -17.33
CA ILE B 384 25.00 -0.80 -17.67
C ILE B 384 25.84 0.17 -16.84
N PHE B 385 25.27 1.29 -16.41
CA PHE B 385 26.03 2.21 -15.57
C PHE B 385 26.21 1.64 -14.17
N THR B 386 25.16 1.01 -13.63
CA THR B 386 25.27 0.36 -12.33
C THR B 386 26.27 -0.78 -12.37
N VAL B 387 26.24 -1.58 -13.44
CA VAL B 387 27.18 -2.68 -13.58
C VAL B 387 28.60 -2.16 -13.79
N HIS B 388 28.75 -1.07 -14.55
CA HIS B 388 30.06 -0.52 -14.81
C HIS B 388 30.74 -0.04 -13.53
N ASP B 389 30.04 0.76 -12.74
CA ASP B 389 30.65 1.32 -11.54
C ASP B 389 31.02 0.24 -10.53
N ILE B 390 30.25 -0.85 -10.47
CA ILE B 390 30.56 -1.92 -9.53
C ILE B 390 31.81 -2.67 -9.98
N LEU B 391 31.89 -2.99 -11.28
CA LEU B 391 33.08 -3.67 -11.78
C LEU B 391 34.30 -2.75 -11.76
N LYS B 392 34.09 -1.43 -11.88
CA LYS B 392 35.20 -0.50 -11.81
C LYS B 392 35.70 -0.34 -10.38
N ALA B 393 34.79 -0.29 -9.41
CA ALA B 393 35.19 -0.16 -8.02
C ALA B 393 35.89 -1.40 -7.51
N ARG B 394 35.55 -2.57 -8.05
CA ARG B 394 36.18 -3.82 -7.67
C ARG B 394 37.46 -4.09 -8.46
N GLY B 395 37.91 -3.15 -9.28
CA GLY B 395 39.11 -3.35 -10.07
C GLY B 395 38.98 -4.36 -11.19
N GLU B 396 37.77 -4.89 -11.43
CA GLU B 396 37.59 -5.85 -12.50
C GLU B 396 37.76 -5.21 -13.87
N ILE B 397 37.50 -3.90 -13.97
CA ILE B 397 37.79 -3.15 -15.19
C ILE B 397 38.51 -1.86 -14.82
S DMS C . -11.85 -0.41 28.97
O DMS C . -12.37 -1.74 29.42
C1 DMS C . -11.46 0.60 30.43
C2 DMS C . -13.21 0.55 28.29
S DMS D . -18.32 -0.87 23.98
O DMS D . -17.78 -0.13 25.15
C1 DMS D . -20.12 -0.65 23.90
C2 DMS D . -18.24 -2.66 24.29
S DMS E . -27.52 18.19 21.62
O DMS E . -26.78 19.50 21.61
C1 DMS E . -28.70 18.17 22.99
C2 DMS E . -26.40 16.86 22.14
S DMS F . -10.71 16.22 -1.22
O DMS F . -9.52 17.05 -0.82
C1 DMS F . -11.08 16.49 -2.96
C2 DMS F . -12.20 16.92 -0.47
S DMS G . -13.06 -1.40 13.22
O DMS G . -12.52 -0.24 13.99
C1 DMS G . -13.07 -2.86 14.29
C2 DMS G . -11.84 -1.94 12.02
S DMS H . 8.39 19.30 11.46
O DMS H . 9.67 19.88 11.99
C1 DMS H . 8.77 17.87 10.41
C2 DMS H . 7.69 20.44 10.24
S DMS I . -9.47 7.91 9.48
O DMS I . -10.05 6.68 8.86
C1 DMS I . -10.82 8.87 10.21
C2 DMS I . -8.58 7.46 11.00
C3 1GP J . -8.37 12.62 13.38
O3 1GP J . -6.74 14.12 12.45
C2 1GP J . -7.97 13.47 12.18
O2 1GP J . -9.49 11.85 13.03
C1 1GP J . -9.03 14.53 11.93
O1P 1GP J . -8.80 15.05 10.64
O2P 1GP J . -8.43 17.06 9.12
O3P 1GP J . -8.77 17.39 11.57
O4P 1GP J . -6.68 16.40 10.74
P 1GP J . -8.17 16.52 10.50
NA NA K . 9.43 -7.66 -2.70
S DMS L . -5.74 -10.67 -25.52
O DMS L . -4.89 -11.28 -24.45
C1 DMS L . -7.44 -11.30 -25.37
C2 DMS L . -6.04 -8.94 -25.10
S DMS M . 19.46 12.87 -17.82
O DMS M . 18.63 13.79 -16.98
C1 DMS M . 18.38 11.94 -18.95
C2 DMS M . 20.07 11.51 -16.80
S DMS N . 1.97 -18.00 -30.06
O DMS N . 3.09 -17.04 -29.80
C1 DMS N . 1.04 -17.45 -31.52
C2 DMS N . 0.70 -17.80 -28.77
S DMS O . -13.88 12.47 -5.43
O DMS O . -13.02 12.27 -6.63
C1 DMS O . -13.49 14.08 -4.67
C2 DMS O . -13.33 11.37 -4.10
S DMS P . 33.38 -6.77 -19.43
O DMS P . 34.49 -7.54 -20.06
C1 DMS P . 33.80 -5.00 -19.43
C2 DMS P . 33.37 -7.08 -17.64
S DMS Q . -17.18 5.67 -7.65
O DMS Q . -18.30 4.80 -8.11
C1 DMS Q . -17.83 7.02 -6.63
C2 DMS Q . -16.55 6.63 -9.06
S DMS R . 21.08 4.88 -12.89
O DMS R . 20.63 5.18 -14.29
C1 DMS R . 22.83 4.40 -12.89
C2 DMS R . 20.33 3.34 -12.33
S DMS S . -16.88 14.14 -10.53
O DMS S . -16.69 15.60 -10.79
C1 DMS S . -18.41 13.56 -11.32
C2 DMS S . -17.32 13.88 -8.79
S DMS T . 6.89 -15.61 6.47
O DMS T . 6.29 -14.83 5.33
C1 DMS T . 7.74 -17.06 5.82
C2 DMS T . 5.55 -16.43 7.39
S DMS U . -7.14 1.07 -29.87
O DMS U . -7.69 -0.28 -30.21
C1 DMS U . -8.30 1.95 -28.78
C2 DMS U . -7.21 2.13 -31.33
S DMS V . 22.98 -0.77 1.82
O DMS V . 23.67 -0.78 0.50
C1 DMS V . 24.13 -0.21 3.11
C2 DMS V . 21.78 0.60 1.87
S DMS W . -0.77 -17.00 7.47
O DMS W . -1.79 -17.67 6.60
C1 DMS W . -1.52 -15.54 8.25
C2 DMS W . -0.45 -18.03 8.93
S DMS X . -2.21 0.71 -32.76
O DMS X . -1.62 0.52 -34.12
C1 DMS X . -3.94 1.18 -32.89
C2 DMS X . -1.52 2.21 -31.99
S DMS Y . -10.38 -14.46 5.28
O DMS Y . -9.06 -14.84 5.88
C1 DMS Y . -11.71 -14.84 6.47
C2 DMS Y . -10.81 -15.64 3.96
S DMS Z . -14.89 -12.50 -24.36
O DMS Z . -15.84 -13.15 -23.41
C1 DMS Z . -13.26 -13.26 -24.19
C2 DMS Z . -15.30 -13.01 -26.06
S DMS AA . 2.91 -8.30 -34.75
O DMS AA . 3.84 -7.86 -33.67
C1 DMS AA . 2.39 -10.02 -34.47
C2 DMS AA . 3.81 -8.50 -36.31
S DMS BA . 5.52 15.64 -0.67
O DMS BA . 4.61 15.23 -1.80
C1 DMS BA . 4.60 16.60 0.56
C2 DMS BA . 5.93 14.18 0.32
S DMS CA . -13.63 -0.71 -23.41
O DMS CA . -13.78 -1.02 -24.87
C1 DMS CA . -15.07 0.24 -22.86
C2 DMS CA . -12.35 0.55 -23.19
S DMS DA . 11.03 -16.09 9.60
O DMS DA . 10.30 -17.25 10.21
C1 DMS DA . 10.48 -15.89 7.88
C2 DMS DA . 12.77 -16.56 9.30
S DMS EA . 12.77 20.24 -0.46
O DMS EA . 12.35 19.01 0.29
C1 DMS EA . 11.72 20.42 -1.94
C2 DMS EA . 14.38 19.96 -1.24
S DMS FA . -10.69 -3.18 -33.04
O DMS FA . -11.93 -2.65 -32.37
C1 DMS FA . -9.23 -2.36 -32.35
C2 DMS FA . -10.63 -2.57 -34.75
N1 PLP GA . 11.62 -7.27 -13.97
C2 PLP GA . 11.61 -6.13 -14.67
C2A PLP GA . 12.32 -6.04 -16.06
C3 PLP GA . 10.95 -4.99 -14.17
O3 PLP GA . 10.94 -3.80 -14.91
C4 PLP GA . 10.32 -5.04 -12.95
C4A PLP GA . 9.58 -3.70 -12.44
C5 PLP GA . 10.32 -6.19 -12.22
C6 PLP GA . 10.97 -7.33 -12.72
C5A PLP GA . 9.62 -6.28 -10.82
O4P PLP GA . 8.22 -6.14 -10.95
P PLP GA . 7.33 -7.37 -10.67
O1P PLP GA . 5.94 -6.92 -10.40
O2P PLP GA . 7.32 -8.31 -11.89
O3P PLP GA . 7.85 -8.10 -9.49
N TRP HA . 9.96 -0.45 -8.56
CA TRP HA . 9.55 -0.77 -9.92
C TRP HA . 9.18 0.47 -10.70
O TRP HA . 9.23 0.49 -11.93
CB TRP HA . 8.37 -1.76 -9.92
CG TRP HA . 7.22 -1.36 -9.06
CD1 TRP HA . 6.35 -0.33 -9.29
CD2 TRP HA . 6.79 -2.00 -7.86
NE1 TRP HA . 5.41 -0.29 -8.29
CE2 TRP HA . 5.65 -1.30 -7.39
CE3 TRP HA . 7.25 -3.09 -7.13
CZ2 TRP HA . 4.98 -1.66 -6.23
CZ3 TRP HA . 6.58 -3.45 -5.97
CH2 TRP HA . 5.47 -2.73 -5.53
OXT TRP HA . 8.82 1.50 -10.13
#